data_7D85
#
_entry.id   7D85
#
_cell.length_a   92.290
_cell.length_b   77.780
_cell.length_c   93.940
_cell.angle_alpha   90.000
_cell.angle_beta   113.410
_cell.angle_gamma   90.000
#
_symmetry.space_group_name_H-M   'P 1 21 1'
#
loop_
_entity.id
_entity.type
_entity.pdbx_description
1 polymer 'Receptor tyrosine-protein kinase erbB-3'
2 polymer 'Anti-ErbB3 Fab heavy chain'
3 polymer 'Anti-ErbB3 Fab light chain'
4 non-polymer 2-acetamido-2-deoxy-beta-D-glucopyranose
5 water water
#
loop_
_entity_poly.entity_id
_entity_poly.type
_entity_poly.pdbx_seq_one_letter_code
_entity_poly.pdbx_strand_id
1 'polypeptide(L)'
;GIPKACEGTGSGSRFQTVDSSNIDGFVNCTKILGNLDFLITGLNGDPWHKIPALDPEKLNVFRTVREITGYLNIQSWPPH
MHNFSVFSNLTTIGGRSLYNRGFSLLIMKNLNVTSLGFRSLKEISAGRIYISANRQLCYHHSLNWTKVLRGPTEERLDIK
HNRPRRDCVAEGKVCDPLCSSGGCWGPGPGQCLS
;
A,D
2 'polypeptide(L)'
;EVQLLESGGGLVQPGGSLRLSCAASGFTFSDYDMSWVRQAPGKGLEWVSTIDLDSGSIYYADSVQGRFTISRDNSKNTLY
LQMNSLRAEDTAVYYCAKDLHMGPEGPFDYWGQGTLVTVSSASTKGPSVFPLAPSSKSTSGGTAALGCLVKDYFPEPVTV
SWNSGALTSGVHTFPAVLQSSGLYSLSSVVTVPSSSLGTQTYICNVNHKPSNTKVDKKVEPKSCDKTH
;
B,E
3 'polypeptide(L)'
;QSVLTQPPSASGTPGQRVTISCSGSSSNIGSNSVSWYQQLPGTAPKLLIYSDNHRPSGVPDRFSGSKSGTSASLAISGLR
SEDEADYYCQGWDTSLSGHVFGGGTKLTVLGQPKAAPSVTLFPPSSEELQANKATLVCLISDFYPGAVTVAWKADSSPVK
AGVETTTPSKQSNNKYAASSYLSLTPEQWKSHKSYSCQVTHEGSTVEKTVAPTECS
;
C,F
#
# COMPACT_ATOMS: atom_id res chain seq x y z
N ILE A 2 -51.65 6.66 -6.27
CA ILE A 2 -51.19 8.00 -6.58
C ILE A 2 -49.73 8.10 -6.22
N PRO A 3 -48.87 7.92 -7.21
CA PRO A 3 -47.43 8.18 -7.02
C PRO A 3 -47.21 9.61 -6.56
N LYS A 4 -46.35 9.77 -5.55
CA LYS A 4 -46.03 11.06 -4.94
C LYS A 4 -44.54 11.13 -4.73
N ALA A 5 -43.89 12.11 -5.35
CA ALA A 5 -42.46 12.33 -5.16
C ALA A 5 -42.23 13.34 -4.05
N CYS A 6 -41.21 13.11 -3.24
CA CYS A 6 -40.85 14.08 -2.21
C CYS A 6 -39.34 14.23 -2.09
N GLU A 7 -38.93 15.39 -1.61
CA GLU A 7 -37.52 15.67 -1.43
C GLU A 7 -36.97 14.91 -0.22
N GLY A 8 -35.71 14.50 -0.33
CA GLY A 8 -35.04 13.76 0.70
C GLY A 8 -34.07 14.60 1.51
N THR A 9 -33.15 13.91 2.18
CA THR A 9 -32.25 14.54 3.14
C THR A 9 -30.82 14.52 2.60
N GLY A 10 -29.87 14.84 3.48
CA GLY A 10 -28.46 14.85 3.12
C GLY A 10 -28.12 15.95 2.11
N SER A 11 -27.29 15.58 1.14
CA SER A 11 -26.74 16.53 0.18
C SER A 11 -27.85 17.15 -0.66
N GLY A 12 -27.69 18.44 -0.94
CA GLY A 12 -28.65 19.24 -1.72
C GLY A 12 -29.92 19.53 -0.95
N SER A 13 -29.95 19.21 0.33
CA SER A 13 -31.20 19.35 1.08
C SER A 13 -31.00 20.15 2.36
N ARG A 14 -32.09 20.72 2.82
CA ARG A 14 -32.13 21.49 4.08
C ARG A 14 -31.88 20.55 5.26
N PHE A 15 -32.43 19.35 5.17
CA PHE A 15 -32.37 18.32 6.24
C PHE A 15 -31.15 17.43 6.09
N GLN A 16 -30.39 17.26 7.16
CA GLN A 16 -29.22 16.42 7.08
C GLN A 16 -29.51 14.97 7.44
N THR A 17 -30.58 14.72 8.22
CA THR A 17 -30.99 13.39 8.63
C THR A 17 -32.51 13.37 8.75
N VAL A 18 -33.10 12.19 8.59
CA VAL A 18 -34.49 12.02 8.97
C VAL A 18 -34.60 12.19 10.49
N ASP A 19 -35.58 12.97 10.94
CA ASP A 19 -35.78 13.20 12.37
C ASP A 19 -37.26 13.44 12.64
N SER A 20 -37.60 13.59 13.93
CA SER A 20 -38.99 13.82 14.29
C SER A 20 -39.54 15.07 13.64
N SER A 21 -38.71 16.10 13.54
CA SER A 21 -39.11 17.34 12.90
C SER A 21 -39.64 17.12 11.48
N ASN A 22 -39.07 16.18 10.75
CA ASN A 22 -39.34 16.09 9.31
C ASN A 22 -39.95 14.77 8.87
N ILE A 23 -40.07 13.79 9.76
CA ILE A 23 -40.48 12.45 9.34
C ILE A 23 -41.83 12.48 8.65
N ASP A 24 -42.77 13.26 9.19
CA ASP A 24 -44.12 13.28 8.66
C ASP A 24 -44.20 13.90 7.27
N GLY A 25 -43.15 14.59 6.83
CA GLY A 25 -43.12 15.05 5.45
C GLY A 25 -43.02 13.95 4.42
N PHE A 26 -42.70 12.74 4.85
CA PHE A 26 -42.50 11.62 3.93
C PHE A 26 -43.76 10.76 3.79
N VAL A 27 -44.88 11.17 4.40
CA VAL A 27 -46.08 10.36 4.38
C VAL A 27 -46.53 10.14 2.93
N ASN A 28 -46.74 8.88 2.55
CA ASN A 28 -47.19 8.42 1.21
C ASN A 28 -46.22 8.79 0.09
N CYS A 29 -44.95 9.06 0.36
CA CYS A 29 -44.03 9.27 -0.75
C CYS A 29 -43.78 7.94 -1.44
N THR A 30 -43.76 7.96 -2.76
CA THR A 30 -43.34 6.81 -3.54
C THR A 30 -41.92 6.95 -4.08
N LYS A 31 -41.53 8.16 -4.46
CA LYS A 31 -40.22 8.43 -5.02
C LYS A 31 -39.54 9.51 -4.19
N ILE A 32 -38.29 9.29 -3.82
CA ILE A 32 -37.51 10.29 -3.11
C ILE A 32 -36.61 10.97 -4.11
N LEU A 33 -36.76 12.28 -4.25
CA LEU A 33 -35.87 13.08 -5.08
C LEU A 33 -34.70 13.50 -4.18
N GLY A 34 -33.59 12.79 -4.30
CA GLY A 34 -32.45 12.93 -3.41
C GLY A 34 -32.22 11.69 -2.60
N ASN A 35 -31.96 11.84 -1.31
CA ASN A 35 -31.41 10.79 -0.49
C ASN A 35 -32.20 10.62 0.79
N LEU A 36 -32.00 9.47 1.43
CA LEU A 36 -32.42 9.25 2.80
C LEU A 36 -31.18 8.99 3.64
N ASP A 37 -31.10 9.69 4.77
CA ASP A 37 -30.01 9.59 5.74
C ASP A 37 -30.60 9.29 7.10
N PHE A 38 -30.01 8.33 7.80
CA PHE A 38 -30.43 7.97 9.15
C PHE A 38 -29.20 8.08 10.03
N LEU A 39 -29.02 9.27 10.61
CA LEU A 39 -27.89 9.56 11.47
C LEU A 39 -28.26 9.30 12.93
N ILE A 40 -27.24 9.21 13.77
CA ILE A 40 -27.49 8.95 15.19
C ILE A 40 -28.27 10.10 15.82
N THR A 41 -27.98 11.36 15.42
CA THR A 41 -28.71 12.51 15.96
C THR A 41 -30.18 12.49 15.56
N GLY A 42 -30.48 12.08 14.33
CA GLY A 42 -31.88 11.93 13.92
C GLY A 42 -32.66 10.94 14.77
N LEU A 43 -32.04 9.80 15.09
CA LEU A 43 -32.78 8.78 15.84
C LEU A 43 -32.82 9.05 17.34
N ASN A 44 -31.75 9.54 17.94
CA ASN A 44 -31.75 9.69 19.39
C ASN A 44 -31.93 11.14 19.84
N GLY A 45 -31.69 12.12 18.99
CA GLY A 45 -31.94 13.54 19.33
C GLY A 45 -30.71 14.40 19.16
N ASP A 46 -30.90 15.57 18.55
CA ASP A 46 -29.82 16.47 18.16
C ASP A 46 -29.69 17.58 19.21
N PRO A 47 -28.65 17.56 20.08
CA PRO A 47 -28.56 18.58 21.14
C PRO A 47 -28.45 20.02 20.66
N TRP A 48 -27.84 20.26 19.49
CA TRP A 48 -27.57 21.63 19.08
C TRP A 48 -28.81 22.33 18.54
N HIS A 49 -29.74 21.60 17.92
CA HIS A 49 -31.06 22.15 17.62
C HIS A 49 -32.10 21.70 18.64
N LYS A 50 -31.67 20.89 19.61
CA LYS A 50 -32.53 20.20 20.59
C LYS A 50 -33.77 19.65 19.88
N ILE A 51 -33.56 18.72 18.94
CA ILE A 51 -34.59 17.97 18.23
C ILE A 51 -34.92 16.67 18.98
N PRO A 52 -36.20 16.33 19.17
CA PRO A 52 -36.53 15.11 19.91
C PRO A 52 -36.13 13.85 19.18
N ALA A 53 -35.93 12.79 19.98
CA ALA A 53 -35.68 11.47 19.41
C ALA A 53 -36.89 11.03 18.62
N LEU A 54 -36.64 10.41 17.46
CA LEU A 54 -37.72 9.95 16.59
C LEU A 54 -38.56 8.86 17.25
N ASP A 55 -39.85 8.82 16.90
CA ASP A 55 -40.73 7.73 17.32
C ASP A 55 -40.53 6.52 16.41
N PRO A 56 -40.05 5.39 16.92
CA PRO A 56 -39.70 4.29 16.01
C PRO A 56 -40.84 3.85 15.13
N GLU A 57 -42.09 3.97 15.59
CA GLU A 57 -43.23 3.54 14.79
C GLU A 57 -43.53 4.52 13.67
N LYS A 58 -42.94 5.71 13.71
CA LYS A 58 -43.13 6.63 12.62
C LYS A 58 -42.21 6.31 11.44
N LEU A 59 -41.28 5.37 11.61
CA LEU A 59 -40.50 4.92 10.46
C LEU A 59 -41.34 4.13 9.48
N ASN A 60 -42.53 3.69 9.87
CA ASN A 60 -43.40 3.01 8.93
C ASN A 60 -43.85 3.89 7.75
N VAL A 61 -43.56 5.21 7.75
CA VAL A 61 -43.94 6.05 6.62
C VAL A 61 -43.30 5.56 5.34
N PHE A 62 -42.15 4.91 5.42
CA PHE A 62 -41.33 4.59 4.27
C PHE A 62 -41.80 3.35 3.53
N ARG A 63 -42.86 2.69 4.01
CA ARG A 63 -43.34 1.51 3.31
C ARG A 63 -43.91 1.86 1.94
N THR A 64 -44.29 3.13 1.73
CA THR A 64 -44.70 3.63 0.43
C THR A 64 -43.54 3.94 -0.51
N VAL A 65 -42.29 4.01 -0.02
CA VAL A 65 -41.16 4.34 -0.89
C VAL A 65 -40.85 3.19 -1.82
N ARG A 66 -40.85 3.47 -3.12
CA ARG A 66 -40.41 2.51 -4.13
C ARG A 66 -39.11 2.91 -4.80
N GLU A 67 -38.85 4.21 -4.97
CA GLU A 67 -37.66 4.69 -5.65
C GLU A 67 -36.92 5.71 -4.78
N ILE A 68 -35.60 5.59 -4.71
CA ILE A 68 -34.74 6.59 -4.09
C ILE A 68 -33.75 7.02 -5.17
N THR A 69 -33.92 8.27 -5.64
CA THR A 69 -33.09 8.84 -6.70
C THR A 69 -31.61 8.84 -6.32
N GLY A 70 -31.27 9.26 -5.10
CA GLY A 70 -29.89 9.31 -4.66
C GLY A 70 -29.38 8.07 -3.95
N TYR A 71 -29.08 8.22 -2.65
CA TYR A 71 -28.43 7.18 -1.87
C TYR A 71 -29.26 6.87 -0.63
N LEU A 72 -28.97 5.72 -0.02
CA LEU A 72 -29.58 5.32 1.25
C LEU A 72 -28.45 5.19 2.26
N ASN A 73 -28.58 5.88 3.38
CA ASN A 73 -27.49 5.98 4.34
C ASN A 73 -28.10 5.74 5.72
N ILE A 74 -28.01 4.50 6.21
CA ILE A 74 -28.57 4.13 7.51
C ILE A 74 -27.44 3.82 8.47
N GLN A 75 -27.33 4.64 9.51
CA GLN A 75 -26.26 4.61 10.49
C GLN A 75 -26.76 4.50 11.92
N SER A 76 -28.08 4.50 12.11
CA SER A 76 -28.69 4.28 13.41
C SER A 76 -30.08 3.73 13.14
N TRP A 77 -30.50 2.77 13.95
CA TRP A 77 -31.79 2.14 13.72
C TRP A 77 -32.36 1.75 15.07
N PRO A 78 -33.69 1.73 15.20
CA PRO A 78 -34.31 1.30 16.47
C PRO A 78 -33.84 -0.07 16.91
N PRO A 79 -33.31 -0.20 18.13
CA PRO A 79 -32.70 -1.47 18.55
C PRO A 79 -33.62 -2.68 18.48
N HIS A 80 -34.94 -2.51 18.50
CA HIS A 80 -35.84 -3.64 18.41
C HIS A 80 -36.36 -3.87 17.00
N MET A 81 -35.86 -3.14 16.00
CA MET A 81 -36.21 -3.38 14.61
C MET A 81 -35.05 -4.10 13.96
N HIS A 82 -35.22 -5.41 13.70
CA HIS A 82 -34.10 -6.30 13.41
C HIS A 82 -33.81 -6.42 11.92
N ASN A 83 -34.46 -5.59 11.12
CA ASN A 83 -34.28 -5.61 9.68
C ASN A 83 -34.86 -4.30 9.19
N PHE A 84 -34.65 -4.00 7.91
CA PHE A 84 -35.21 -2.75 7.40
C PHE A 84 -36.50 -2.99 6.64
N SER A 85 -37.43 -3.69 7.28
CA SER A 85 -38.65 -4.09 6.57
C SER A 85 -39.55 -2.91 6.25
N VAL A 86 -39.27 -1.72 6.80
CA VAL A 86 -40.00 -0.54 6.40
C VAL A 86 -39.62 -0.12 4.98
N PHE A 87 -38.53 -0.65 4.45
CA PHE A 87 -38.18 -0.47 3.05
C PHE A 87 -38.46 -1.73 2.21
N SER A 88 -39.45 -2.52 2.61
CA SER A 88 -39.84 -3.75 1.87
C SER A 88 -40.30 -3.44 0.44
N ASN A 89 -40.76 -2.23 0.21
CA ASN A 89 -41.28 -1.84 -1.09
C ASN A 89 -40.29 -1.05 -1.92
N LEU A 90 -39.07 -0.81 -1.41
CA LEU A 90 -38.04 -0.16 -2.20
C LEU A 90 -37.49 -1.10 -3.26
N THR A 91 -37.52 -0.67 -4.51
CA THR A 91 -37.05 -1.49 -5.62
C THR A 91 -35.81 -0.93 -6.30
N THR A 92 -35.63 0.38 -6.27
CA THR A 92 -34.59 1.04 -7.06
C THR A 92 -33.89 2.10 -6.22
N ILE A 93 -32.56 2.02 -6.18
CA ILE A 93 -31.69 3.06 -5.67
C ILE A 93 -30.87 3.55 -6.85
N GLY A 94 -31.01 4.83 -7.20
CA GLY A 94 -30.35 5.33 -8.40
C GLY A 94 -28.91 5.79 -8.24
N GLY A 95 -28.58 6.34 -7.07
CA GLY A 95 -27.24 6.85 -6.88
C GLY A 95 -26.89 8.01 -7.79
N ARG A 96 -27.88 8.83 -8.18
CA ARG A 96 -27.58 10.04 -8.94
C ARG A 96 -26.75 11.00 -8.10
N SER A 97 -26.89 10.92 -6.78
CA SER A 97 -26.07 11.63 -5.81
C SER A 97 -25.58 10.61 -4.79
N LEU A 98 -24.34 10.77 -4.35
CA LEU A 98 -23.69 9.74 -3.55
C LEU A 98 -23.20 10.33 -2.24
N TYR A 99 -22.85 9.42 -1.33
CA TYR A 99 -22.52 9.75 0.04
C TYR A 99 -21.09 9.31 0.32
N ASN A 100 -20.31 10.22 0.92
CA ASN A 100 -18.91 9.99 1.31
C ASN A 100 -18.11 9.70 0.03
N ARG A 101 -17.35 8.63 -0.05
CA ARG A 101 -16.47 8.39 -1.19
C ARG A 101 -17.08 7.42 -2.20
N GLY A 102 -18.31 7.68 -2.62
CA GLY A 102 -18.90 7.07 -3.79
C GLY A 102 -20.05 6.12 -3.54
N PHE A 103 -20.65 6.13 -2.35
CA PHE A 103 -21.62 5.11 -2.00
C PHE A 103 -23.04 5.56 -2.32
N SER A 104 -23.84 4.61 -2.80
CA SER A 104 -25.29 4.78 -2.92
C SER A 104 -26.02 4.01 -1.84
N LEU A 105 -25.45 2.92 -1.37
CA LEU A 105 -25.99 2.16 -0.26
C LEU A 105 -24.94 2.09 0.83
N LEU A 106 -25.37 2.30 2.07
CA LEU A 106 -24.46 2.40 3.19
C LEU A 106 -25.25 1.99 4.42
N ILE A 107 -24.94 0.83 4.99
CA ILE A 107 -25.56 0.35 6.23
C ILE A 107 -24.44 0.11 7.22
N MET A 108 -24.45 0.84 8.32
CA MET A 108 -23.26 0.91 9.12
C MET A 108 -23.55 0.85 10.61
N LYS A 109 -22.87 -0.07 11.30
CA LYS A 109 -22.83 -0.06 12.77
C LYS A 109 -24.21 -0.18 13.38
N ASN A 110 -25.07 -0.97 12.77
CA ASN A 110 -26.39 -1.26 13.34
C ASN A 110 -26.29 -2.60 14.07
N LEU A 111 -25.93 -2.51 15.34
CA LEU A 111 -25.63 -3.66 16.19
C LEU A 111 -26.79 -4.63 16.31
N ASN A 112 -27.98 -4.27 15.86
CA ASN A 112 -29.18 -5.05 16.16
C ASN A 112 -29.89 -5.58 14.94
N VAL A 113 -29.45 -5.24 13.74
CA VAL A 113 -30.06 -5.71 12.51
C VAL A 113 -29.55 -7.14 12.21
N THR A 114 -30.47 -8.10 12.11
CA THR A 114 -30.08 -9.48 11.84
C THR A 114 -30.30 -9.89 10.40
N SER A 115 -31.11 -9.16 9.65
CA SER A 115 -31.16 -9.31 8.21
C SER A 115 -31.46 -7.95 7.60
N LEU A 116 -31.31 -7.85 6.28
CA LEU A 116 -31.56 -6.58 5.60
C LEU A 116 -33.05 -6.37 5.31
N GLY A 117 -33.69 -7.33 4.64
CA GLY A 117 -35.10 -7.22 4.32
C GLY A 117 -35.46 -6.35 3.14
N PHE A 118 -34.51 -6.03 2.26
CA PHE A 118 -34.79 -5.22 1.07
C PHE A 118 -35.46 -6.09 0.00
N ARG A 119 -36.65 -6.59 0.33
CA ARG A 119 -37.27 -7.68 -0.43
C ARG A 119 -37.49 -7.32 -1.90
N SER A 120 -37.97 -6.11 -2.16
CA SER A 120 -38.29 -5.67 -3.52
C SER A 120 -37.10 -5.16 -4.29
N LEU A 121 -35.94 -5.05 -3.65
CA LEU A 121 -34.80 -4.36 -4.25
C LEU A 121 -34.28 -5.08 -5.49
N LYS A 122 -34.43 -4.44 -6.64
CA LYS A 122 -33.99 -5.01 -7.90
C LYS A 122 -32.86 -4.24 -8.57
N GLU A 123 -32.58 -3.00 -8.20
CA GLU A 123 -31.55 -2.26 -8.93
C GLU A 123 -30.92 -1.16 -8.08
N ILE A 124 -29.58 -1.12 -8.07
CA ILE A 124 -28.78 0.01 -7.60
C ILE A 124 -28.01 0.55 -8.81
N SER A 125 -28.47 1.68 -9.35
CA SER A 125 -28.06 2.10 -10.69
C SER A 125 -26.65 2.66 -10.76
N ALA A 126 -26.03 2.97 -9.63
CA ALA A 126 -24.69 3.54 -9.58
C ALA A 126 -24.25 3.58 -8.13
N GLY A 127 -22.95 3.71 -7.93
CA GLY A 127 -22.39 3.84 -6.60
C GLY A 127 -21.85 2.53 -6.06
N ARG A 128 -21.14 2.67 -4.95
CA ARG A 128 -20.52 1.58 -4.22
C ARG A 128 -21.42 1.23 -3.03
N ILE A 129 -21.23 0.01 -2.52
CA ILE A 129 -22.08 -0.54 -1.47
C ILE A 129 -21.25 -0.66 -0.20
N TYR A 130 -21.77 -0.13 0.89
CA TYR A 130 -21.08 -0.17 2.17
C TYR A 130 -22.00 -0.87 3.13
N ILE A 131 -21.57 -2.02 3.63
CA ILE A 131 -22.27 -2.72 4.70
C ILE A 131 -21.20 -3.21 5.67
N SER A 132 -21.00 -2.51 6.79
CA SER A 132 -19.94 -2.93 7.70
C SER A 132 -20.33 -2.67 9.14
N ALA A 133 -19.70 -3.43 10.04
CA ALA A 133 -19.86 -3.30 11.49
C ALA A 133 -21.29 -3.57 11.94
N ASN A 134 -22.07 -4.30 11.15
CA ASN A 134 -23.37 -4.80 11.60
C ASN A 134 -23.11 -6.18 12.21
N ARG A 135 -22.78 -6.18 13.50
CA ARG A 135 -22.21 -7.36 14.13
C ARG A 135 -23.14 -8.56 14.09
N GLN A 136 -24.44 -8.35 13.84
CA GLN A 136 -25.44 -9.42 13.86
C GLN A 136 -25.99 -9.74 12.49
N LEU A 137 -25.46 -9.14 11.44
CA LEU A 137 -26.09 -9.23 10.14
C LEU A 137 -25.75 -10.56 9.48
N CYS A 138 -26.77 -11.22 8.93
CA CYS A 138 -26.65 -12.47 8.20
C CYS A 138 -27.46 -12.38 6.91
N TYR A 139 -27.38 -13.41 6.07
CA TYR A 139 -28.14 -13.64 4.85
C TYR A 139 -27.59 -12.84 3.68
N HIS A 140 -26.77 -11.81 3.93
CA HIS A 140 -26.14 -11.03 2.88
C HIS A 140 -24.91 -11.72 2.28
N HIS A 141 -24.41 -12.80 2.90
CA HIS A 141 -23.13 -13.37 2.46
C HIS A 141 -23.23 -13.98 1.08
N SER A 142 -24.36 -14.61 0.77
CA SER A 142 -24.62 -15.30 -0.48
C SER A 142 -25.17 -14.38 -1.56
N LEU A 143 -25.48 -13.13 -1.23
CA LEU A 143 -26.29 -12.31 -2.12
C LEU A 143 -25.52 -11.90 -3.39
N ASN A 144 -26.19 -11.98 -4.51
CA ASN A 144 -25.58 -11.72 -5.82
C ASN A 144 -25.71 -10.24 -6.13
N TRP A 145 -24.73 -9.46 -5.66
CA TRP A 145 -24.76 -8.02 -5.87
C TRP A 145 -24.68 -7.65 -7.35
N THR A 146 -24.04 -8.49 -8.18
CA THR A 146 -23.97 -8.20 -9.62
C THR A 146 -25.35 -8.10 -10.24
N LYS A 147 -26.29 -8.96 -9.81
CA LYS A 147 -27.70 -8.81 -10.21
C LYS A 147 -28.22 -7.39 -9.95
N VAL A 148 -28.01 -6.89 -8.72
CA VAL A 148 -28.58 -5.62 -8.32
C VAL A 148 -27.81 -4.46 -8.94
N LEU A 149 -26.50 -4.58 -9.05
CA LEU A 149 -25.70 -3.45 -9.55
C LEU A 149 -25.69 -3.36 -11.06
N ARG A 150 -26.14 -4.41 -11.74
CA ARG A 150 -26.16 -4.43 -13.20
C ARG A 150 -24.78 -4.08 -13.76
N GLY A 151 -23.77 -4.77 -13.24
CA GLY A 151 -22.40 -4.55 -13.59
C GLY A 151 -21.45 -5.40 -12.76
N PRO A 152 -20.17 -5.34 -13.08
CA PRO A 152 -19.16 -6.11 -12.32
C PRO A 152 -19.13 -5.68 -10.86
N THR A 153 -19.07 -6.68 -9.99
CA THR A 153 -19.09 -6.41 -8.57
C THR A 153 -17.80 -5.74 -8.07
N GLU A 154 -16.72 -5.82 -8.85
CA GLU A 154 -15.40 -5.42 -8.39
C GLU A 154 -15.29 -3.89 -8.25
N GLU A 155 -14.58 -3.49 -7.21
CA GLU A 155 -14.31 -2.08 -6.85
C GLU A 155 -15.63 -1.38 -6.47
N ARG A 156 -16.64 -2.13 -6.06
CA ARG A 156 -17.96 -1.58 -5.67
C ARG A 156 -18.43 -2.11 -4.31
N LEU A 157 -17.73 -3.05 -3.71
CA LEU A 157 -18.14 -3.62 -2.43
C LEU A 157 -17.18 -3.23 -1.32
N ASP A 158 -17.78 -2.77 -0.20
CA ASP A 158 -17.10 -2.52 1.06
C ASP A 158 -17.96 -3.23 2.12
N ILE A 159 -17.98 -4.54 2.06
CA ILE A 159 -18.82 -5.37 2.91
C ILE A 159 -17.90 -6.14 3.88
N LYS A 160 -17.73 -5.62 5.09
CA LYS A 160 -16.78 -6.17 6.05
C LYS A 160 -17.42 -6.25 7.43
N HIS A 161 -16.77 -7.02 8.31
CA HIS A 161 -16.98 -6.90 9.76
C HIS A 161 -18.43 -7.01 10.17
N ASN A 162 -19.18 -7.90 9.52
CA ASN A 162 -20.52 -8.13 10.03
C ASN A 162 -20.48 -9.38 10.90
N ARG A 163 -21.59 -10.09 11.03
CA ARG A 163 -21.50 -11.43 11.63
C ARG A 163 -20.71 -12.35 10.71
N PRO A 164 -19.78 -13.15 11.24
CA PRO A 164 -18.99 -14.03 10.38
C PRO A 164 -19.87 -15.08 9.71
N ARG A 165 -19.62 -15.31 8.43
CA ARG A 165 -20.37 -16.31 7.62
C ARG A 165 -20.49 -17.65 8.33
N ARG A 166 -19.39 -18.21 8.82
CA ARG A 166 -19.45 -19.50 9.52
C ARG A 166 -20.42 -19.44 10.69
N ASP A 167 -20.38 -18.35 11.46
CA ASP A 167 -21.34 -18.17 12.56
C ASP A 167 -22.79 -18.17 12.04
N CYS A 168 -23.10 -17.44 10.96
CA CYS A 168 -24.45 -17.47 10.41
C CYS A 168 -24.83 -18.89 9.99
N VAL A 169 -23.95 -19.56 9.24
CA VAL A 169 -24.25 -20.90 8.74
C VAL A 169 -24.54 -21.83 9.90
N ALA A 170 -23.78 -21.72 10.99
CA ALA A 170 -23.89 -22.66 12.09
C ALA A 170 -25.20 -22.50 12.84
N GLU A 171 -25.72 -21.28 12.92
CA GLU A 171 -26.97 -21.00 13.59
C GLU A 171 -28.16 -21.07 12.66
N GLY A 172 -27.98 -21.59 11.45
CA GLY A 172 -29.09 -21.74 10.53
C GLY A 172 -29.59 -20.45 9.90
N LYS A 173 -28.85 -19.34 10.06
CA LYS A 173 -29.19 -18.05 9.47
C LYS A 173 -28.67 -17.98 8.03
N VAL A 174 -29.27 -18.80 7.18
CA VAL A 174 -28.93 -18.90 5.76
C VAL A 174 -30.21 -18.76 4.94
N CYS A 175 -30.05 -18.66 3.61
CA CYS A 175 -31.17 -18.57 2.68
C CYS A 175 -32.08 -19.80 2.73
N ASP A 176 -33.36 -19.58 2.51
CA ASP A 176 -34.27 -20.70 2.33
C ASP A 176 -33.86 -21.53 1.11
N PRO A 177 -34.04 -22.85 1.16
CA PRO A 177 -33.68 -23.70 0.00
C PRO A 177 -34.40 -23.33 -1.28
N LEU A 178 -35.61 -22.78 -1.20
CA LEU A 178 -36.34 -22.39 -2.41
C LEU A 178 -35.71 -21.20 -3.13
N CYS A 179 -34.85 -20.43 -2.45
CA CYS A 179 -34.22 -19.25 -3.05
C CYS A 179 -33.16 -19.64 -4.06
N SER A 180 -32.97 -18.79 -5.08
CA SER A 180 -31.92 -18.99 -6.06
C SER A 180 -30.54 -18.96 -5.40
N SER A 181 -29.49 -19.14 -6.21
CA SER A 181 -28.13 -18.86 -5.77
C SER A 181 -27.82 -17.36 -5.75
N GLY A 182 -28.78 -16.55 -6.22
CA GLY A 182 -28.74 -15.11 -6.02
C GLY A 182 -28.92 -14.69 -4.58
N GLY A 183 -29.54 -15.53 -3.74
CA GLY A 183 -29.51 -15.34 -2.30
C GLY A 183 -30.81 -14.83 -1.71
N CYS A 184 -30.69 -14.27 -0.50
CA CYS A 184 -31.86 -13.74 0.19
C CYS A 184 -31.50 -12.44 0.90
N TRP A 185 -32.56 -11.76 1.34
CA TRP A 185 -32.52 -10.62 2.23
C TRP A 185 -32.92 -11.00 3.64
N GLY A 186 -33.02 -12.29 3.92
CA GLY A 186 -33.45 -12.70 5.22
C GLY A 186 -33.95 -14.11 5.18
N PRO A 187 -34.57 -14.55 6.29
CA PRO A 187 -35.00 -15.95 6.42
C PRO A 187 -36.33 -16.20 5.73
N GLY A 188 -36.46 -17.40 5.16
CA GLY A 188 -37.73 -17.83 4.58
C GLY A 188 -37.92 -17.46 3.12
N PRO A 189 -38.98 -17.98 2.51
CA PRO A 189 -39.11 -17.94 1.04
C PRO A 189 -39.60 -16.62 0.48
N GLY A 190 -40.25 -15.77 1.26
CA GLY A 190 -40.61 -14.44 0.79
C GLY A 190 -39.44 -13.46 0.74
N GLN A 191 -38.25 -13.90 1.13
CA GLN A 191 -37.07 -13.05 1.22
C GLN A 191 -36.06 -13.30 0.11
N CYS A 192 -36.36 -14.19 -0.85
CA CYS A 192 -35.39 -14.49 -1.90
C CYS A 192 -35.15 -13.27 -2.78
N LEU A 193 -33.92 -13.12 -3.24
CA LEU A 193 -33.62 -12.00 -4.11
C LEU A 193 -34.43 -12.08 -5.40
N SER A 194 -34.43 -13.25 -6.02
CA SER A 194 -35.19 -13.49 -7.23
C SER A 194 -34.97 -14.95 -7.65
N GLU B 1 -9.11 19.35 22.69
CA GLU B 1 -9.23 19.99 21.38
C GLU B 1 -8.36 19.20 20.40
N VAL B 2 -8.81 19.14 19.14
CA VAL B 2 -8.13 18.28 18.20
C VAL B 2 -6.80 18.91 17.82
N GLN B 3 -5.89 18.06 17.34
CA GLN B 3 -4.57 18.53 16.94
C GLN B 3 -3.91 17.51 16.02
N LEU B 4 -3.36 17.99 14.92
CA LEU B 4 -2.58 17.17 14.00
C LEU B 4 -1.22 17.84 13.80
N LEU B 5 -0.14 17.14 14.16
CA LEU B 5 1.22 17.64 13.96
C LEU B 5 1.93 16.75 12.96
N GLU B 6 2.36 17.34 11.85
CA GLU B 6 3.12 16.64 10.82
C GLU B 6 4.61 16.84 11.05
N SER B 7 5.41 15.89 10.56
CA SER B 7 6.85 15.94 10.79
C SER B 7 7.56 14.96 9.87
N GLY B 8 8.86 15.18 9.71
CA GLY B 8 9.69 14.37 8.86
C GLY B 8 10.08 14.97 7.54
N GLY B 9 9.59 16.16 7.22
CA GLY B 9 9.97 16.77 5.98
C GLY B 9 11.39 17.29 6.04
N GLY B 10 11.92 17.65 4.87
CA GLY B 10 13.27 18.14 4.76
C GLY B 10 13.75 17.99 3.33
N LEU B 11 15.02 18.34 3.13
CA LEU B 11 15.63 18.25 1.82
C LEU B 11 16.09 16.82 1.54
N VAL B 12 15.84 16.37 0.31
CA VAL B 12 16.18 15.02 -0.11
C VAL B 12 16.37 15.01 -1.63
N GLN B 13 17.27 14.20 -2.05
CA GLN B 13 17.75 13.95 -3.41
C GLN B 13 16.69 13.18 -4.22
N PRO B 14 16.52 13.54 -5.50
CA PRO B 14 15.56 12.80 -6.33
C PRO B 14 15.91 11.33 -6.37
N GLY B 15 14.87 10.51 -6.48
CA GLY B 15 15.00 9.09 -6.31
C GLY B 15 15.21 8.64 -4.87
N GLY B 16 15.27 9.57 -3.92
CA GLY B 16 15.46 9.25 -2.52
C GLY B 16 14.13 9.00 -1.81
N SER B 17 14.21 8.87 -0.49
CA SER B 17 13.00 8.52 0.23
C SER B 17 12.96 9.23 1.58
N LEU B 18 11.74 9.45 2.05
CA LEU B 18 11.45 10.03 3.36
C LEU B 18 10.18 9.39 3.90
N ARG B 19 10.00 9.51 5.21
CA ARG B 19 8.79 9.04 5.87
C ARG B 19 8.20 10.16 6.69
N LEU B 20 6.97 10.54 6.35
CA LEU B 20 6.30 11.61 7.08
C LEU B 20 5.46 10.99 8.18
N SER B 21 5.34 11.74 9.28
CA SER B 21 4.56 11.31 10.43
C SER B 21 3.56 12.38 10.81
N CYS B 22 2.36 11.95 11.17
CA CYS B 22 1.31 12.81 11.70
C CYS B 22 0.89 12.26 13.06
N ALA B 23 1.19 13.04 14.10
CA ALA B 23 0.86 12.69 15.47
C ALA B 23 -0.46 13.34 15.83
N ALA B 24 -1.44 12.51 16.21
CA ALA B 24 -2.81 12.93 16.47
C ALA B 24 -3.09 13.02 17.96
N SER B 25 -3.92 13.99 18.34
CA SER B 25 -4.39 14.14 19.72
C SER B 25 -5.70 14.91 19.68
N GLY B 26 -6.49 14.74 20.73
CA GLY B 26 -7.75 15.47 20.90
C GLY B 26 -8.96 14.83 20.25
N PHE B 27 -8.86 13.57 19.83
CA PHE B 27 -9.99 12.81 19.28
C PHE B 27 -9.62 11.33 19.27
N THR B 28 -10.65 10.48 19.12
CA THR B 28 -10.44 9.03 19.03
C THR B 28 -9.87 8.73 17.65
N PHE B 29 -8.55 8.50 17.60
CA PHE B 29 -7.85 8.35 16.33
C PHE B 29 -8.48 7.25 15.49
N SER B 30 -8.90 6.16 16.13
CA SER B 30 -9.48 4.98 15.50
C SER B 30 -10.82 5.22 14.82
N ASP B 31 -11.45 6.38 15.03
CA ASP B 31 -12.76 6.64 14.44
C ASP B 31 -12.67 7.39 13.13
N TYR B 32 -11.46 7.71 12.68
CA TYR B 32 -11.26 8.70 11.65
C TYR B 32 -10.51 8.12 10.47
N ASP B 33 -11.03 8.38 9.28
CA ASP B 33 -10.26 8.20 8.07
C ASP B 33 -9.23 9.33 7.99
N MET B 34 -7.97 8.96 7.79
CA MET B 34 -6.87 9.92 7.69
C MET B 34 -6.41 10.03 6.24
N SER B 35 -5.97 11.24 5.86
CA SER B 35 -5.58 11.55 4.50
C SER B 35 -4.34 12.46 4.49
N TRP B 36 -3.65 12.48 3.33
CA TRP B 36 -2.51 13.36 3.08
C TRP B 36 -2.85 14.26 1.88
N VAL B 37 -2.78 15.58 2.07
CA VAL B 37 -2.96 16.53 0.99
C VAL B 37 -1.73 17.42 0.94
N ARG B 38 -1.23 17.68 -0.26
CA ARG B 38 -0.02 18.45 -0.44
C ARG B 38 -0.28 19.69 -1.29
N GLN B 39 0.69 20.61 -1.24
CA GLN B 39 0.56 21.91 -1.90
C GLN B 39 1.96 22.40 -2.28
N ALA B 40 2.23 22.48 -3.56
CA ALA B 40 3.50 23.01 -3.99
C ALA B 40 3.54 24.52 -3.70
N PRO B 41 4.72 25.08 -3.48
CA PRO B 41 4.79 26.52 -3.17
C PRO B 41 4.09 27.39 -4.21
N GLY B 42 3.08 28.13 -3.80
CA GLY B 42 2.42 28.99 -4.74
C GLY B 42 1.51 28.29 -5.72
N LYS B 43 1.11 27.05 -5.42
CA LYS B 43 0.23 26.29 -6.30
C LYS B 43 -0.94 25.68 -5.51
N GLY B 44 -1.79 24.92 -6.20
CA GLY B 44 -3.04 24.47 -5.62
C GLY B 44 -2.96 23.27 -4.69
N LEU B 45 -4.13 22.81 -4.24
CA LEU B 45 -4.18 21.62 -3.41
C LEU B 45 -4.14 20.34 -4.26
N GLU B 46 -3.46 19.31 -3.76
CA GLU B 46 -3.40 18.03 -4.47
C GLU B 46 -3.56 16.91 -3.45
N TRP B 47 -4.66 16.19 -3.54
CA TRP B 47 -4.88 15.04 -2.65
C TRP B 47 -3.87 13.95 -2.99
N VAL B 48 -3.23 13.38 -1.96
CA VAL B 48 -2.22 12.32 -2.13
C VAL B 48 -2.80 10.93 -1.89
N SER B 49 -3.37 10.68 -0.71
CA SER B 49 -3.79 9.34 -0.31
C SER B 49 -4.75 9.41 0.86
N THR B 50 -5.60 8.38 0.99
CA THR B 50 -6.51 8.24 2.12
C THR B 50 -6.48 6.80 2.59
N ILE B 51 -6.44 6.60 3.92
CA ILE B 51 -6.59 5.28 4.52
C ILE B 51 -7.81 5.33 5.45
N ASP B 52 -8.54 4.22 5.58
CA ASP B 52 -9.70 4.31 6.45
C ASP B 52 -9.38 3.83 7.86
N LEU B 53 -10.34 4.07 8.76
CA LEU B 53 -10.15 3.95 10.20
C LEU B 53 -9.48 2.64 10.61
N ASP B 54 -9.64 1.59 9.82
CA ASP B 54 -9.16 0.26 10.18
C ASP B 54 -8.11 -0.28 9.19
N SER B 55 -7.56 0.60 8.34
CA SER B 55 -6.66 0.21 7.24
C SER B 55 -7.35 -0.80 6.33
N GLY B 56 -8.65 -0.64 6.14
CA GLY B 56 -9.43 -1.61 5.37
C GLY B 56 -9.60 -1.21 3.92
N SER B 57 -9.66 0.10 3.67
CA SER B 57 -9.67 0.66 2.32
C SER B 57 -8.56 1.70 2.27
N ILE B 58 -7.80 1.71 1.18
CA ILE B 58 -6.70 2.63 0.96
C ILE B 58 -6.81 3.18 -0.45
N TYR B 59 -6.68 4.50 -0.59
CA TYR B 59 -6.80 5.18 -1.88
C TYR B 59 -5.55 6.01 -2.17
N TYR B 60 -5.18 6.11 -3.45
CA TYR B 60 -4.01 6.89 -3.82
C TYR B 60 -4.34 7.74 -5.05
N ALA B 61 -3.54 8.80 -5.23
CA ALA B 61 -3.53 9.54 -6.48
C ALA B 61 -2.65 8.84 -7.50
N ASP B 62 -3.12 8.78 -8.76
CA ASP B 62 -2.32 8.24 -9.88
C ASP B 62 -0.88 8.76 -9.90
N SER B 63 -0.68 10.03 -9.54
CA SER B 63 0.66 10.63 -9.56
C SER B 63 1.64 9.96 -8.60
N VAL B 64 1.19 9.51 -7.43
CA VAL B 64 2.08 8.89 -6.44
C VAL B 64 2.03 7.35 -6.41
N GLN B 65 1.11 6.75 -7.18
CA GLN B 65 0.81 5.31 -7.09
C GLN B 65 2.04 4.46 -7.37
N GLY B 66 2.41 3.59 -6.44
CA GLY B 66 3.62 2.80 -6.56
C GLY B 66 4.87 3.45 -6.01
N ARG B 67 4.79 4.69 -5.56
CA ARG B 67 5.93 5.33 -4.92
C ARG B 67 5.66 5.70 -3.48
N PHE B 68 4.46 6.13 -3.13
CA PHE B 68 4.15 6.46 -1.74
C PHE B 68 3.30 5.36 -1.13
N THR B 69 3.56 5.04 0.14
CA THR B 69 2.70 4.15 0.92
C THR B 69 2.16 4.92 2.12
N ILE B 70 0.81 4.96 2.24
CA ILE B 70 0.16 5.45 3.44
C ILE B 70 0.00 4.28 4.40
N SER B 71 0.07 4.56 5.70
CA SER B 71 -0.22 3.56 6.71
C SER B 71 -0.60 4.28 8.00
N ARG B 72 -1.10 3.49 8.96
CA ARG B 72 -1.47 4.07 10.25
C ARG B 72 -1.22 3.04 11.36
N ASP B 73 -1.05 3.54 12.57
CA ASP B 73 -0.91 2.77 13.79
C ASP B 73 -1.89 3.39 14.81
N ASN B 74 -3.08 2.81 14.89
CA ASN B 74 -4.12 3.34 15.77
C ASN B 74 -3.67 3.36 17.22
N SER B 75 -2.87 2.39 17.62
CA SER B 75 -2.44 2.34 19.00
C SER B 75 -1.49 3.47 19.33
N LYS B 76 -0.85 4.07 18.32
CA LYS B 76 0.11 5.14 18.56
C LYS B 76 -0.41 6.50 18.12
N ASN B 77 -1.63 6.56 17.59
CA ASN B 77 -2.22 7.80 17.11
C ASN B 77 -1.32 8.47 16.06
N THR B 78 -0.86 7.67 15.09
CA THR B 78 0.12 8.15 14.13
C THR B 78 -0.21 7.69 12.72
N LEU B 79 -0.31 8.66 11.80
CA LEU B 79 -0.45 8.39 10.38
C LEU B 79 0.92 8.43 9.73
N TYR B 80 1.08 7.66 8.66
CA TYR B 80 2.39 7.55 8.02
C TYR B 80 2.26 7.72 6.53
N LEU B 81 3.28 8.34 5.94
CA LEU B 81 3.46 8.36 4.50
C LEU B 81 4.90 7.94 4.24
N GLN B 82 5.10 6.72 3.79
CA GLN B 82 6.41 6.31 3.30
C GLN B 82 6.52 6.75 1.85
N MET B 83 7.48 7.63 1.55
CA MET B 83 7.65 8.22 0.22
C MET B 83 8.92 7.67 -0.40
N ASN B 84 8.79 6.93 -1.50
CA ASN B 84 9.95 6.38 -2.20
C ASN B 84 10.02 6.99 -3.60
N SER B 85 11.20 6.93 -4.22
CA SER B 85 11.38 7.37 -5.60
C SER B 85 10.86 8.79 -5.79
N LEU B 86 11.33 9.70 -4.94
CA LEU B 86 10.82 11.05 -4.91
C LEU B 86 11.20 11.80 -6.19
N ARG B 87 10.32 12.65 -6.66
CA ARG B 87 10.59 13.48 -7.82
C ARG B 87 10.55 14.93 -7.41
N ALA B 88 11.32 15.76 -8.12
CA ALA B 88 11.36 17.19 -7.83
C ALA B 88 9.97 17.79 -7.70
N GLU B 89 9.02 17.35 -8.52
CA GLU B 89 7.66 17.87 -8.50
C GLU B 89 6.85 17.36 -7.31
N ASP B 90 7.44 16.51 -6.45
CA ASP B 90 6.81 16.15 -5.18
C ASP B 90 7.12 17.16 -4.10
N THR B 91 8.00 18.12 -4.40
CA THR B 91 8.26 19.24 -3.53
C THR B 91 6.95 19.91 -3.14
N ALA B 92 6.66 19.96 -1.85
CA ALA B 92 5.35 20.46 -1.43
C ALA B 92 5.32 20.53 0.08
N VAL B 93 4.36 21.29 0.59
CA VAL B 93 3.95 21.16 1.98
C VAL B 93 2.97 20.01 2.04
N TYR B 94 3.17 19.10 2.99
CA TYR B 94 2.30 17.94 3.10
C TYR B 94 1.44 18.12 4.34
N TYR B 95 0.11 18.18 4.15
CA TYR B 95 -0.86 18.33 5.22
C TYR B 95 -1.44 16.97 5.58
N CYS B 96 -1.77 16.84 6.85
CA CYS B 96 -2.42 15.67 7.39
C CYS B 96 -3.88 16.02 7.66
N ALA B 97 -4.79 15.14 7.24
CA ALA B 97 -6.22 15.44 7.28
C ALA B 97 -7.02 14.29 7.89
N LYS B 98 -8.14 14.66 8.45
CA LYS B 98 -8.97 13.74 9.24
C LYS B 98 -10.44 14.00 8.93
N ASP B 99 -11.22 12.95 8.85
CA ASP B 99 -12.68 13.06 8.80
C ASP B 99 -13.31 11.80 9.37
N LEU B 100 -14.37 12.01 10.16
CA LEU B 100 -15.05 10.92 10.84
C LEU B 100 -15.52 9.88 9.83
N HIS B 101 -15.34 8.59 10.17
CA HIS B 101 -15.61 7.53 9.21
C HIS B 101 -17.10 7.47 8.90
N MET B 102 -17.45 7.66 7.62
CA MET B 102 -18.84 7.71 7.16
C MET B 102 -19.66 8.77 7.90
N GLY B 103 -18.99 9.78 8.45
CA GLY B 103 -19.67 10.93 8.99
C GLY B 103 -20.16 11.80 7.85
N PRO B 104 -21.10 12.68 8.13
CA PRO B 104 -21.47 13.67 7.09
C PRO B 104 -20.42 14.75 6.90
N GLU B 105 -19.75 15.21 7.95
CA GLU B 105 -18.87 16.39 7.88
C GLU B 105 -17.50 16.04 7.30
N GLY B 106 -17.36 16.13 5.98
CA GLY B 106 -16.07 15.99 5.34
C GLY B 106 -16.17 15.99 3.81
N PRO B 107 -15.08 15.63 3.13
CA PRO B 107 -13.82 15.13 3.70
C PRO B 107 -12.93 16.23 4.29
N PHE B 108 -11.88 15.84 5.02
CA PHE B 108 -10.88 16.77 5.53
C PHE B 108 -11.52 17.85 6.40
N ASP B 109 -12.15 17.41 7.52
CA ASP B 109 -12.77 18.37 8.42
C ASP B 109 -11.74 19.14 9.23
N TYR B 110 -10.47 18.73 9.19
CA TYR B 110 -9.42 19.41 9.94
C TYR B 110 -8.06 19.02 9.38
N TRP B 111 -7.21 20.04 9.18
CA TRP B 111 -5.87 19.93 8.61
C TRP B 111 -4.86 20.40 9.63
N GLY B 112 -3.66 19.83 9.58
CA GLY B 112 -2.56 20.33 10.39
C GLY B 112 -1.83 21.43 9.65
N GLN B 113 -0.77 21.94 10.26
CA GLN B 113 0.04 23.01 9.66
C GLN B 113 0.96 22.53 8.54
N GLY B 114 1.18 21.23 8.42
CA GLY B 114 1.95 20.75 7.27
C GLY B 114 3.43 20.64 7.56
N THR B 115 4.07 19.71 6.87
CA THR B 115 5.51 19.58 6.87
C THR B 115 5.99 19.79 5.44
N LEU B 116 7.13 20.47 5.30
CA LEU B 116 7.63 20.84 3.98
C LEU B 116 8.64 19.81 3.47
N VAL B 117 8.36 19.25 2.29
CA VAL B 117 9.25 18.32 1.60
C VAL B 117 9.85 18.99 0.35
N THR B 118 11.17 19.13 0.32
CA THR B 118 11.92 19.70 -0.80
C THR B 118 12.74 18.62 -1.50
N VAL B 119 12.53 18.43 -2.80
CA VAL B 119 13.24 17.39 -3.55
C VAL B 119 14.12 18.08 -4.59
N SER B 120 15.44 17.96 -4.43
CA SER B 120 16.42 18.74 -5.18
C SER B 120 17.80 18.06 -5.16
N SER B 121 18.53 18.22 -6.27
CA SER B 121 19.95 17.86 -6.27
C SER B 121 20.83 18.86 -5.53
N ALA B 122 20.30 20.03 -5.18
CA ALA B 122 21.12 21.04 -4.52
C ALA B 122 21.37 20.68 -3.07
N SER B 123 22.49 21.16 -2.55
CA SER B 123 22.87 20.85 -1.18
C SER B 123 22.40 21.97 -0.24
N THR B 124 22.57 21.75 1.07
CA THR B 124 22.16 22.73 2.06
C THR B 124 23.08 23.94 1.99
N LYS B 125 22.52 25.14 2.20
CA LYS B 125 23.33 26.35 2.29
C LYS B 125 22.72 27.32 3.29
N GLY B 126 23.46 27.60 4.38
CA GLY B 126 23.09 28.63 5.31
C GLY B 126 23.16 30.02 4.68
N PRO B 127 22.40 30.96 5.24
CA PRO B 127 22.31 32.30 4.63
C PRO B 127 23.38 33.26 5.11
N SER B 128 23.70 34.18 4.22
CA SER B 128 24.41 35.41 4.57
C SER B 128 23.40 36.44 5.06
N VAL B 129 23.62 36.99 6.25
CA VAL B 129 22.75 38.04 6.80
C VAL B 129 23.50 39.38 6.79
N PHE B 130 22.81 40.43 6.34
CA PHE B 130 23.42 41.73 6.09
C PHE B 130 22.52 42.86 6.58
N PRO B 131 23.07 43.84 7.28
CA PRO B 131 22.25 44.96 7.75
C PRO B 131 21.78 45.84 6.61
N LEU B 132 20.56 46.35 6.74
CA LEU B 132 20.03 47.40 5.88
C LEU B 132 19.90 48.66 6.74
N ALA B 133 20.92 49.55 6.66
CA ALA B 133 21.08 50.71 7.55
C ALA B 133 20.15 51.85 7.15
N PRO B 134 19.55 52.55 8.13
CA PRO B 134 18.67 53.68 7.85
C PRO B 134 19.45 54.98 7.70
N SER B 135 18.75 56.01 7.19
CA SER B 135 19.31 57.36 7.05
C SER B 135 18.55 58.39 7.87
N SER B 136 17.25 58.59 7.62
CA SER B 136 16.38 59.56 8.31
C SER B 136 17.03 60.95 8.54
N GLY B 141 7.99 64.98 4.83
CA GLY B 141 7.74 64.28 6.09
C GLY B 141 8.23 62.84 6.14
N GLY B 142 9.21 62.57 6.98
CA GLY B 142 9.94 61.30 6.96
C GLY B 142 9.81 60.48 8.22
N THR B 143 9.81 59.17 8.03
CA THR B 143 10.02 58.14 9.04
C THR B 143 11.34 57.43 8.71
N ALA B 144 11.65 56.33 9.39
CA ALA B 144 12.85 55.55 9.10
C ALA B 144 12.55 54.10 8.77
N ALA B 145 13.20 53.59 7.72
CA ALA B 145 13.16 52.17 7.34
C ALA B 145 14.51 51.52 7.59
N LEU B 146 14.48 50.31 8.15
CA LEU B 146 15.70 49.55 8.40
C LEU B 146 15.36 48.08 8.41
N GLY B 147 16.37 47.22 8.26
CA GLY B 147 16.07 45.82 8.18
C GLY B 147 17.28 44.95 7.92
N CYS B 148 16.97 43.72 7.53
CA CYS B 148 17.95 42.65 7.42
C CYS B 148 17.76 41.95 6.09
N LEU B 149 18.86 41.69 5.41
CA LEU B 149 18.84 40.95 4.16
C LEU B 149 19.35 39.54 4.43
N VAL B 150 18.56 38.55 4.04
CA VAL B 150 18.87 37.14 4.27
C VAL B 150 19.16 36.56 2.89
N LYS B 151 20.45 36.44 2.55
CA LYS B 151 20.89 36.20 1.17
C LYS B 151 21.33 34.76 1.00
N ASP B 152 20.95 34.15 -0.14
CA ASP B 152 21.53 32.92 -0.66
C ASP B 152 21.36 31.74 0.31
N TYR B 153 20.13 31.31 0.46
CA TYR B 153 19.91 30.13 1.27
C TYR B 153 19.17 29.10 0.46
N PHE B 154 19.21 27.86 0.99
CA PHE B 154 18.54 26.68 0.47
C PHE B 154 18.61 25.58 1.53
N PRO B 155 17.52 24.83 1.76
CA PRO B 155 16.22 25.13 1.15
C PRO B 155 15.44 26.07 2.07
N GLU B 156 14.16 26.22 1.78
CA GLU B 156 13.28 26.92 2.67
C GLU B 156 13.02 26.08 3.93
N PRO B 157 12.55 26.71 5.02
CA PRO B 157 12.24 28.14 5.21
C PRO B 157 13.22 28.90 6.10
N VAL B 158 13.03 30.21 6.20
CA VAL B 158 13.76 31.06 7.11
C VAL B 158 12.73 31.82 7.95
N THR B 159 12.96 31.90 9.26
CA THR B 159 12.21 32.85 10.06
C THR B 159 13.13 33.95 10.54
N VAL B 160 12.52 35.12 10.78
CA VAL B 160 13.16 36.36 11.20
C VAL B 160 12.31 36.99 12.29
N SER B 161 12.92 37.31 13.43
CA SER B 161 12.28 38.12 14.44
C SER B 161 13.13 39.37 14.72
N TRP B 162 12.62 40.27 15.55
CA TRP B 162 13.36 41.46 15.92
C TRP B 162 13.42 41.54 17.44
N ASN B 163 14.65 41.59 17.94
CA ASN B 163 14.95 41.68 19.39
C ASN B 163 14.20 40.58 20.14
N SER B 164 14.49 39.34 19.76
CA SER B 164 13.87 38.15 20.34
C SER B 164 12.35 38.29 20.52
N GLY B 165 11.67 38.70 19.47
CA GLY B 165 10.22 38.71 19.50
C GLY B 165 9.61 39.88 20.25
N ALA B 166 10.45 40.73 20.84
CA ALA B 166 9.93 41.90 21.55
C ALA B 166 9.29 42.90 20.59
N LEU B 167 9.89 43.10 19.41
CA LEU B 167 9.49 44.17 18.50
C LEU B 167 8.65 43.60 17.36
N THR B 168 7.39 44.06 17.24
CA THR B 168 6.51 43.58 16.18
C THR B 168 5.76 44.68 15.41
N SER B 169 5.67 45.89 15.94
CA SER B 169 5.06 46.99 15.18
C SER B 169 6.01 47.44 14.09
N GLY B 170 5.44 47.71 12.90
CA GLY B 170 6.21 48.15 11.76
C GLY B 170 7.09 47.11 11.10
N VAL B 171 7.13 45.89 11.62
CA VAL B 171 7.95 44.82 11.04
C VAL B 171 7.20 44.22 9.87
N HIS B 172 7.92 43.95 8.79
CA HIS B 172 7.40 43.18 7.66
C HIS B 172 8.49 42.25 7.19
N THR B 173 8.20 40.95 7.15
CA THR B 173 9.12 39.97 6.58
C THR B 173 8.57 39.49 5.25
N PHE B 174 9.39 39.58 4.20
CA PHE B 174 8.97 39.34 2.83
C PHE B 174 9.08 37.86 2.47
N PRO B 175 8.24 37.39 1.55
CA PRO B 175 8.43 36.06 1.00
C PRO B 175 9.74 36.04 0.25
N ALA B 176 10.31 34.85 0.11
CA ALA B 176 11.64 34.82 -0.46
C ALA B 176 11.56 34.88 -1.98
N VAL B 177 12.68 35.25 -2.55
CA VAL B 177 12.91 35.28 -3.98
C VAL B 177 13.73 34.06 -4.36
N LEU B 178 13.43 33.46 -5.50
CA LEU B 178 14.23 32.35 -6.00
C LEU B 178 15.12 32.88 -7.11
N GLN B 179 16.41 32.93 -6.86
CA GLN B 179 17.34 33.49 -7.81
C GLN B 179 17.67 32.46 -8.88
N SER B 180 18.33 32.95 -9.95
CA SER B 180 18.71 32.06 -11.04
C SER B 180 19.59 30.92 -10.57
N SER B 181 20.39 31.16 -9.53
CA SER B 181 21.31 30.16 -8.99
C SER B 181 20.62 28.98 -8.29
N GLY B 182 19.33 29.07 -7.99
CA GLY B 182 18.66 28.06 -7.19
C GLY B 182 18.66 28.34 -5.72
N LEU B 183 19.33 29.40 -5.29
CA LEU B 183 19.31 29.87 -3.91
C LEU B 183 18.13 30.80 -3.68
N TYR B 184 17.81 31.03 -2.40
CA TYR B 184 16.72 31.90 -1.97
C TYR B 184 17.27 33.15 -1.26
N SER B 185 16.52 34.26 -1.32
CA SER B 185 16.82 35.45 -0.51
C SER B 185 15.51 36.11 -0.07
N LEU B 186 15.52 36.74 1.11
CA LEU B 186 14.37 37.52 1.59
C LEU B 186 14.87 38.67 2.44
N SER B 187 13.92 39.49 2.90
CA SER B 187 14.23 40.65 3.70
C SER B 187 13.17 40.82 4.77
N SER B 188 13.61 41.25 5.94
CA SER B 188 12.69 41.66 6.98
C SER B 188 13.00 43.12 7.28
N VAL B 189 11.98 43.97 7.11
CA VAL B 189 12.10 45.41 7.27
C VAL B 189 11.28 45.83 8.49
N VAL B 190 11.77 46.79 9.25
CA VAL B 190 10.98 47.37 10.33
C VAL B 190 10.96 48.87 10.16
N THR B 191 9.77 49.44 9.95
CA THR B 191 9.61 50.88 9.84
C THR B 191 9.55 51.46 11.24
N VAL B 192 10.45 52.40 11.54
CA VAL B 192 10.47 52.93 12.91
C VAL B 192 10.35 54.45 12.89
N PRO B 193 10.03 55.04 14.04
CA PRO B 193 9.88 56.46 14.13
C PRO B 193 11.17 57.19 13.77
N SER B 194 10.97 58.39 13.27
CA SER B 194 12.06 59.25 12.76
C SER B 194 13.14 59.43 13.82
N SER B 195 12.71 59.72 15.05
CA SER B 195 13.52 60.05 16.24
C SER B 195 13.95 58.81 17.03
N SER B 196 13.48 57.64 16.64
CA SER B 196 13.80 56.36 17.31
C SER B 196 15.25 55.95 17.10
N LEU B 197 15.91 56.41 16.03
CA LEU B 197 17.22 55.91 15.67
C LEU B 197 18.27 56.46 16.63
N GLY B 198 19.41 55.80 16.66
CA GLY B 198 20.52 56.23 17.49
C GLY B 198 20.37 55.96 18.97
N THR B 199 19.24 55.38 19.39
CA THR B 199 18.92 55.16 20.80
C THR B 199 18.55 53.70 20.99
N GLN B 200 17.35 53.38 20.47
CA GLN B 200 16.84 52.03 20.52
C GLN B 200 17.68 51.12 19.64
N THR B 201 18.15 50.01 20.22
CA THR B 201 18.95 49.03 19.51
C THR B 201 18.01 48.11 18.75
N TYR B 202 18.32 47.85 17.49
CA TYR B 202 17.52 46.95 16.66
C TYR B 202 18.39 45.78 16.20
N ILE B 203 17.97 44.56 16.54
CA ILE B 203 18.68 43.33 16.16
C ILE B 203 17.69 42.41 15.47
N CYS B 204 18.00 42.01 14.23
CA CYS B 204 17.21 40.96 13.60
C CYS B 204 17.78 39.60 13.98
N ASN B 205 16.87 38.67 14.28
CA ASN B 205 17.18 37.28 14.61
C ASN B 205 16.79 36.43 13.41
N VAL B 206 17.80 35.87 12.74
CA VAL B 206 17.60 35.09 11.52
C VAL B 206 17.77 33.61 11.87
N ASN B 207 16.77 32.80 11.54
CA ASN B 207 16.85 31.36 11.82
C ASN B 207 16.58 30.54 10.56
N HIS B 208 17.62 29.84 10.10
CA HIS B 208 17.52 28.82 9.06
C HIS B 208 17.81 27.46 9.71
N LYS B 209 16.76 26.83 10.24
CA LYS B 209 16.94 25.54 10.88
C LYS B 209 17.49 24.43 9.96
N PRO B 210 17.21 24.40 8.65
CA PRO B 210 17.81 23.35 7.80
C PRO B 210 19.31 23.22 7.94
N SER B 211 20.02 24.36 8.05
CA SER B 211 21.46 24.37 8.16
C SER B 211 21.93 24.62 9.60
N ASN B 212 21.02 24.65 10.56
CA ASN B 212 21.38 24.99 11.95
C ASN B 212 22.00 26.39 12.05
N THR B 213 21.61 27.31 11.18
CA THR B 213 22.17 28.65 11.16
C THR B 213 21.30 29.59 12.00
N LYS B 214 21.89 30.20 13.03
CA LYS B 214 21.25 31.22 13.83
C LYS B 214 22.17 32.43 13.84
N VAL B 215 21.66 33.58 13.39
CA VAL B 215 22.44 34.82 13.31
C VAL B 215 21.61 35.95 13.91
N ASP B 216 22.19 36.68 14.86
CA ASP B 216 21.62 37.94 15.33
C ASP B 216 22.47 39.08 14.76
N LYS B 217 21.81 40.07 14.19
CA LYS B 217 22.56 41.17 13.55
C LYS B 217 21.99 42.53 13.97
N LYS B 218 22.80 43.31 14.66
CA LYS B 218 22.40 44.64 15.06
C LYS B 218 22.49 45.54 13.82
N VAL B 219 21.43 46.33 13.60
CA VAL B 219 21.35 47.19 12.44
C VAL B 219 21.51 48.61 12.94
N GLU B 220 22.65 49.21 12.62
CA GLU B 220 23.02 50.55 13.09
C GLU B 220 22.87 51.61 12.01
N PRO B 221 22.57 52.85 12.41
CA PRO B 221 22.51 53.95 11.46
C PRO B 221 23.85 54.15 10.73
N LYS B 222 23.74 54.40 9.43
CA LYS B 222 24.91 54.54 8.57
C LYS B 222 25.69 55.82 8.89
N SER C 2 -7.07 15.80 -10.83
CA SER C 2 -7.34 17.06 -10.10
C SER C 2 -7.65 18.14 -11.13
N VAL C 3 -8.75 17.95 -11.79
CA VAL C 3 -9.13 18.93 -12.84
C VAL C 3 -10.58 19.39 -12.60
N LEU C 4 -10.81 20.22 -11.58
CA LEU C 4 -12.13 20.84 -11.33
C LEU C 4 -11.93 22.29 -11.73
N THR C 5 -12.78 22.87 -12.55
CA THR C 5 -12.49 24.24 -13.06
C THR C 5 -13.04 25.34 -12.17
N GLN C 6 -12.19 26.24 -11.73
CA GLN C 6 -12.55 27.35 -10.88
C GLN C 6 -12.06 28.64 -11.52
N PRO C 7 -12.74 29.76 -11.27
CA PRO C 7 -12.17 31.06 -11.65
C PRO C 7 -10.91 31.31 -10.83
N PRO C 8 -9.81 31.73 -11.46
CA PRO C 8 -8.60 32.09 -10.69
C PRO C 8 -8.82 33.17 -9.65
N SER C 9 -9.74 34.11 -9.87
CA SER C 9 -9.84 35.28 -9.02
C SER C 9 -11.27 35.79 -8.93
N ALA C 10 -11.58 36.34 -7.74
CA ALA C 10 -12.86 36.94 -7.40
C ALA C 10 -12.61 38.10 -6.45
N SER C 11 -13.46 39.12 -6.53
CA SER C 11 -13.27 40.28 -5.67
C SER C 11 -14.60 40.74 -5.12
N GLY C 12 -14.52 41.66 -4.17
CA GLY C 12 -15.71 42.29 -3.59
C GLY C 12 -15.28 43.34 -2.58
N THR C 13 -16.25 44.19 -2.24
CA THR C 13 -16.06 45.20 -1.20
C THR C 13 -16.80 44.76 0.06
N PRO C 14 -16.48 45.32 1.20
CA PRO C 14 -17.14 44.92 2.45
C PRO C 14 -18.67 44.97 2.36
N GLY C 15 -19.31 43.86 2.74
CA GLY C 15 -20.75 43.73 2.75
C GLY C 15 -21.35 43.29 1.45
N GLN C 16 -20.54 42.95 0.46
CA GLN C 16 -21.03 42.40 -0.80
C GLN C 16 -21.26 40.89 -0.71
N ARG C 17 -21.87 40.35 -1.76
CA ARG C 17 -22.06 38.92 -1.91
C ARG C 17 -21.30 38.46 -3.14
N VAL C 18 -20.29 37.63 -2.94
CA VAL C 18 -19.46 37.09 -4.02
C VAL C 18 -19.81 35.62 -4.21
N THR C 19 -19.73 35.16 -5.46
CA THR C 19 -19.91 33.76 -5.80
C THR C 19 -18.67 33.25 -6.50
N ILE C 20 -18.27 32.01 -6.16
CA ILE C 20 -17.14 31.31 -6.78
C ILE C 20 -17.70 30.01 -7.36
N SER C 21 -17.51 29.81 -8.65
CA SER C 21 -18.05 28.64 -9.32
C SER C 21 -16.99 27.54 -9.42
N CYS C 22 -17.47 26.32 -9.61
CA CYS C 22 -16.65 25.11 -9.63
C CYS C 22 -17.28 24.16 -10.63
N SER C 23 -16.60 23.89 -11.74
CA SER C 23 -17.13 23.01 -12.78
C SER C 23 -16.43 21.66 -12.73
N GLY C 24 -17.23 20.62 -12.87
CA GLY C 24 -16.70 19.25 -12.85
C GLY C 24 -17.37 18.38 -13.87
N SER C 25 -17.42 17.08 -13.59
CA SER C 25 -18.02 16.06 -14.47
C SER C 25 -18.98 15.20 -13.67
N SER C 26 -19.74 14.38 -14.37
CA SER C 26 -20.73 13.47 -13.75
C SER C 26 -20.06 12.54 -12.75
N SER C 27 -18.88 12.01 -13.07
CA SER C 27 -18.11 11.07 -12.23
C SER C 27 -17.61 11.74 -10.94
N ASN C 28 -17.39 13.04 -10.96
CA ASN C 28 -16.95 13.75 -9.74
C ASN C 28 -18.11 14.51 -9.10
N ILE C 29 -18.24 15.80 -9.35
CA ILE C 29 -19.23 16.54 -8.57
C ILE C 29 -20.65 16.40 -9.12
N GLY C 30 -20.84 15.86 -10.34
CA GLY C 30 -22.18 15.48 -10.76
C GLY C 30 -22.79 14.34 -9.94
N SER C 31 -21.96 13.41 -9.47
CA SER C 31 -22.42 12.32 -8.61
C SER C 31 -22.16 12.62 -7.15
N ASN C 32 -20.88 12.73 -6.79
CA ASN C 32 -20.46 12.90 -5.42
C ASN C 32 -20.68 14.33 -4.97
N SER C 33 -20.56 14.54 -3.65
CA SER C 33 -20.83 15.83 -3.06
C SER C 33 -19.64 16.76 -3.28
N VAL C 34 -19.90 18.06 -3.16
CA VAL C 34 -18.85 19.06 -3.22
C VAL C 34 -18.56 19.50 -1.80
N SER C 35 -17.28 19.68 -1.50
CA SER C 35 -16.90 20.43 -0.32
C SER C 35 -16.08 21.65 -0.75
N TRP C 36 -15.98 22.63 0.14
CA TRP C 36 -15.29 23.89 -0.11
C TRP C 36 -14.38 24.20 1.06
N TYR C 37 -13.19 24.76 0.78
CA TYR C 37 -12.20 25.05 1.82
C TYR C 37 -11.71 26.47 1.68
N GLN C 38 -11.40 27.08 2.82
CA GLN C 38 -10.78 28.40 2.88
C GLN C 38 -9.33 28.22 3.34
N GLN C 39 -8.40 28.75 2.56
CA GLN C 39 -7.01 28.77 3.00
C GLN C 39 -6.55 30.23 3.05
N LEU C 40 -6.25 30.71 4.29
CA LEU C 40 -5.67 32.04 4.43
C LEU C 40 -4.16 31.93 4.33
N PRO C 41 -3.51 32.98 3.83
CA PRO C 41 -2.07 32.88 3.52
C PRO C 41 -1.28 32.43 4.74
N GLY C 42 -0.32 31.54 4.49
CA GLY C 42 0.50 30.95 5.55
C GLY C 42 -0.18 29.90 6.41
N THR C 43 -1.43 29.55 6.15
CA THR C 43 -2.18 28.76 7.10
C THR C 43 -2.77 27.53 6.43
N ALA C 44 -3.22 26.62 7.26
CA ALA C 44 -3.81 25.38 6.79
C ALA C 44 -5.25 25.60 6.35
N PRO C 45 -5.67 24.93 5.27
CA PRO C 45 -7.08 24.96 4.84
C PRO C 45 -8.01 24.58 5.96
N LYS C 46 -9.23 25.14 5.92
CA LYS C 46 -10.30 24.77 6.84
C LYS C 46 -11.57 24.52 6.05
N LEU C 47 -12.28 23.45 6.40
CA LEU C 47 -13.51 23.09 5.72
C LEU C 47 -14.56 24.16 5.96
N LEU C 48 -15.30 24.49 4.91
CA LEU C 48 -16.26 25.57 4.90
C LEU C 48 -17.67 25.06 4.66
N ILE C 49 -17.79 24.20 3.68
CA ILE C 49 -19.04 23.66 3.18
C ILE C 49 -18.76 22.21 2.84
N TYR C 50 -19.68 21.32 3.20
CA TYR C 50 -19.59 19.92 2.82
C TYR C 50 -20.95 19.46 2.32
N SER C 51 -20.97 18.32 1.63
CA SER C 51 -22.17 17.75 1.02
C SER C 51 -23.03 18.81 0.33
N ASP C 52 -22.40 19.57 -0.57
CA ASP C 52 -23.05 20.57 -1.42
C ASP C 52 -23.49 21.84 -0.68
N ASN C 53 -24.26 21.76 0.42
CA ASN C 53 -24.79 22.96 1.06
C ASN C 53 -24.65 23.06 2.58
N HIS C 54 -24.04 22.10 3.27
CA HIS C 54 -24.02 22.16 4.72
C HIS C 54 -22.72 22.73 5.27
N ARG C 55 -22.83 23.46 6.40
CA ARG C 55 -21.74 24.18 7.01
C ARG C 55 -21.37 23.50 8.32
N PRO C 56 -20.08 23.31 8.61
CA PRO C 56 -19.70 22.86 9.95
C PRO C 56 -20.22 23.85 10.96
N SER C 57 -20.55 23.37 12.16
CA SER C 57 -20.81 24.31 13.23
C SER C 57 -19.52 25.06 13.48
N GLY C 58 -19.64 26.36 13.76
CA GLY C 58 -18.49 27.23 13.80
C GLY C 58 -18.19 27.92 12.49
N VAL C 59 -18.91 27.60 11.43
CA VAL C 59 -18.78 28.25 10.14
C VAL C 59 -20.02 29.13 9.97
N PRO C 60 -19.86 30.46 9.89
CA PRO C 60 -21.03 31.36 9.84
C PRO C 60 -21.87 31.14 8.60
N ASP C 61 -23.17 31.49 8.72
CA ASP C 61 -24.15 31.20 7.68
C ASP C 61 -24.15 32.21 6.52
N ARG C 62 -23.24 33.19 6.50
CA ARG C 62 -23.03 33.95 5.28
C ARG C 62 -22.38 33.11 4.19
N PHE C 63 -21.57 32.13 4.57
CA PHE C 63 -21.09 31.12 3.64
C PHE C 63 -22.23 30.14 3.33
N SER C 64 -22.43 29.86 2.04
CA SER C 64 -23.50 28.98 1.61
C SER C 64 -23.07 28.29 0.33
N GLY C 65 -23.59 27.09 0.10
CA GLY C 65 -23.21 26.31 -1.05
C GLY C 65 -24.42 25.76 -1.77
N SER C 66 -24.30 25.66 -3.09
CA SER C 66 -25.37 25.14 -3.91
C SER C 66 -24.76 24.38 -5.08
N LYS C 67 -25.56 23.47 -5.63
CA LYS C 67 -25.08 22.66 -6.73
C LYS C 67 -26.24 22.24 -7.62
N SER C 68 -25.97 22.16 -8.91
CA SER C 68 -26.93 21.71 -9.91
C SER C 68 -26.15 21.13 -11.08
N GLY C 69 -26.48 19.89 -11.45
CA GLY C 69 -25.75 19.21 -12.49
C GLY C 69 -24.29 19.01 -12.15
N THR C 70 -23.41 19.56 -12.96
CA THR C 70 -21.97 19.48 -12.73
C THR C 70 -21.34 20.82 -12.42
N SER C 71 -22.13 21.81 -11.97
CA SER C 71 -21.58 23.10 -11.57
C SER C 71 -22.01 23.46 -10.15
N ALA C 72 -21.04 23.86 -9.33
CA ALA C 72 -21.29 24.17 -7.94
C ALA C 72 -20.91 25.62 -7.67
N SER C 73 -21.61 26.24 -6.73
CA SER C 73 -21.33 27.63 -6.41
C SER C 73 -21.16 27.78 -4.92
N LEU C 74 -20.13 28.53 -4.53
CA LEU C 74 -19.94 28.95 -3.15
C LEU C 74 -20.27 30.44 -3.07
N ALA C 75 -21.05 30.81 -2.07
CA ALA C 75 -21.44 32.20 -1.87
C ALA C 75 -20.89 32.70 -0.54
N ILE C 76 -20.37 33.92 -0.56
CA ILE C 76 -19.96 34.62 0.66
C ILE C 76 -20.75 35.92 0.69
N SER C 77 -21.87 35.90 1.41
CA SER C 77 -22.62 37.13 1.65
C SER C 77 -21.96 37.91 2.79
N GLY C 78 -22.20 39.22 2.81
CA GLY C 78 -21.66 40.06 3.87
C GLY C 78 -20.14 40.03 3.95
N LEU C 79 -19.50 40.18 2.78
CA LEU C 79 -18.05 40.04 2.67
C LEU C 79 -17.31 40.82 3.74
N ARG C 80 -16.24 40.22 4.26
CA ARG C 80 -15.38 40.80 5.28
C ARG C 80 -13.93 40.83 4.84
N SER C 81 -13.20 41.80 5.37
CA SER C 81 -11.76 41.82 5.19
C SER C 81 -11.14 40.49 5.55
N GLU C 82 -11.59 39.89 6.65
CA GLU C 82 -10.99 38.65 7.08
C GLU C 82 -11.32 37.47 6.16
N ASP C 83 -12.28 37.61 5.23
CA ASP C 83 -12.54 36.56 4.25
C ASP C 83 -11.57 36.58 3.05
N GLU C 84 -10.61 37.51 3.00
CA GLU C 84 -9.67 37.55 1.88
C GLU C 84 -8.77 36.31 1.96
N ALA C 85 -8.90 35.41 0.99
CA ALA C 85 -8.28 34.08 1.06
C ALA C 85 -8.42 33.36 -0.27
N ASP C 86 -7.76 32.21 -0.36
CA ASP C 86 -7.95 31.30 -1.48
C ASP C 86 -9.04 30.29 -1.14
N TYR C 87 -9.84 29.90 -2.14
CA TYR C 87 -10.97 28.99 -1.93
C TYR C 87 -10.88 27.79 -2.86
N TYR C 88 -11.05 26.60 -2.30
CA TYR C 88 -10.91 25.38 -3.07
C TYR C 88 -12.21 24.59 -2.95
N CYS C 89 -12.74 24.17 -4.08
CA CYS C 89 -13.76 23.15 -4.10
C CYS C 89 -13.10 21.78 -4.28
N GLN C 90 -13.84 20.74 -3.94
CA GLN C 90 -13.30 19.40 -3.88
C GLN C 90 -14.42 18.42 -4.15
N GLY C 91 -14.11 17.32 -4.84
CA GLY C 91 -15.05 16.24 -5.03
C GLY C 91 -14.41 14.86 -5.16
N TRP C 92 -15.04 13.87 -4.54
CA TRP C 92 -14.66 12.49 -4.80
C TRP C 92 -14.97 12.15 -6.26
N ASP C 93 -14.10 11.39 -6.92
CA ASP C 93 -14.32 11.02 -8.32
C ASP C 93 -14.43 9.49 -8.41
N THR C 94 -15.66 9.02 -8.70
CA THR C 94 -15.95 7.59 -8.88
C THR C 94 -14.99 6.95 -9.87
N SER C 95 -14.71 7.63 -10.98
CA SER C 95 -13.84 7.09 -12.03
C SER C 95 -12.39 6.89 -11.55
N LEU C 96 -11.95 7.66 -10.57
CA LEU C 96 -10.54 7.70 -10.17
C LEU C 96 -10.27 6.99 -8.85
N SER C 97 -11.33 6.73 -8.07
CA SER C 97 -11.19 6.30 -6.70
C SER C 97 -10.25 7.25 -5.95
N GLY C 98 -10.49 8.55 -6.12
CA GLY C 98 -9.67 9.57 -5.47
C GLY C 98 -10.36 10.91 -5.42
N HIS C 99 -9.82 11.78 -4.57
CA HIS C 99 -10.33 13.15 -4.46
C HIS C 99 -9.70 14.06 -5.51
N VAL C 100 -10.50 15.01 -5.98
CA VAL C 100 -10.18 15.90 -7.09
C VAL C 100 -10.43 17.33 -6.60
N PHE C 101 -9.37 18.13 -6.54
CA PHE C 101 -9.50 19.52 -6.10
C PHE C 101 -9.64 20.47 -7.29
N GLY C 102 -10.23 21.64 -7.02
CA GLY C 102 -10.22 22.71 -7.99
C GLY C 102 -8.92 23.49 -7.96
N GLY C 103 -8.72 24.34 -8.95
CA GLY C 103 -7.48 25.09 -9.04
C GLY C 103 -7.29 26.08 -7.90
N GLY C 104 -8.38 26.53 -7.29
CA GLY C 104 -8.31 27.62 -6.35
C GLY C 104 -8.73 28.95 -6.98
N THR C 105 -9.41 29.77 -6.18
CA THR C 105 -9.78 31.14 -6.53
C THR C 105 -9.20 32.03 -5.45
N LYS C 106 -8.39 33.04 -5.85
CA LYS C 106 -7.93 34.11 -4.96
C LYS C 106 -9.05 35.13 -4.79
N LEU C 107 -9.60 35.21 -3.57
CA LEU C 107 -10.60 36.21 -3.22
C LEU C 107 -9.90 37.41 -2.62
N THR C 108 -10.11 38.57 -3.23
CA THR C 108 -9.58 39.84 -2.76
C THR C 108 -10.71 40.70 -2.23
N VAL C 109 -10.47 41.40 -1.12
CA VAL C 109 -11.46 42.29 -0.52
C VAL C 109 -10.95 43.71 -0.69
N LEU C 110 -11.73 44.52 -1.41
CA LEU C 110 -11.41 45.88 -1.80
C LEU C 110 -12.12 46.88 -0.87
N GLY C 111 -12.39 48.09 -1.38
CA GLY C 111 -13.10 49.11 -0.65
C GLY C 111 -12.22 50.12 0.04
N GLN C 112 -10.96 49.77 0.26
CA GLN C 112 -10.00 50.62 0.94
C GLN C 112 -9.58 51.78 0.02
N PRO C 113 -9.18 52.92 0.59
CA PRO C 113 -8.69 54.02 -0.26
C PRO C 113 -7.40 53.62 -0.96
N LYS C 114 -7.27 54.09 -2.21
CA LYS C 114 -5.99 53.98 -2.90
C LYS C 114 -4.93 54.66 -2.06
N ALA C 115 -3.75 54.04 -2.00
CA ALA C 115 -2.62 54.63 -1.30
C ALA C 115 -1.37 54.39 -2.12
N ALA C 116 -0.57 55.42 -2.28
CA ALA C 116 0.65 55.33 -3.07
C ALA C 116 1.73 54.56 -2.31
N PRO C 117 2.62 53.87 -3.02
CA PRO C 117 3.64 53.06 -2.33
C PRO C 117 4.71 53.92 -1.71
N SER C 118 5.12 53.54 -0.50
CA SER C 118 6.39 53.98 0.07
C SER C 118 7.49 53.14 -0.53
N VAL C 119 8.60 53.77 -0.88
CA VAL C 119 9.73 53.12 -1.53
C VAL C 119 10.99 53.51 -0.78
N THR C 120 11.76 52.52 -0.34
CA THR C 120 13.07 52.77 0.24
C THR C 120 14.07 51.90 -0.47
N LEU C 121 15.08 52.52 -1.07
CA LEU C 121 16.09 51.82 -1.82
C LEU C 121 17.34 51.77 -0.97
N PHE C 122 17.83 50.57 -0.69
CA PHE C 122 18.99 50.34 0.15
C PHE C 122 20.20 50.00 -0.71
N PRO C 123 21.30 50.77 -0.63
CA PRO C 123 22.53 50.41 -1.36
C PRO C 123 23.18 49.17 -0.74
N PRO C 124 24.18 48.59 -1.39
CA PRO C 124 24.88 47.45 -0.80
C PRO C 124 25.46 47.83 0.55
N SER C 125 25.32 46.95 1.52
CA SER C 125 25.96 47.19 2.80
C SER C 125 27.47 47.08 2.65
N SER C 126 28.17 47.72 3.59
CA SER C 126 29.62 47.59 3.64
C SER C 126 30.08 46.14 3.89
N GLU C 127 29.39 45.46 4.79
CA GLU C 127 29.67 44.05 5.14
C GLU C 127 29.66 43.20 3.87
N GLU C 128 28.56 43.30 3.14
CA GLU C 128 28.37 42.62 1.85
C GLU C 128 29.46 43.02 0.85
N LEU C 129 29.70 44.32 0.72
CA LEU C 129 30.68 44.79 -0.24
C LEU C 129 32.06 44.20 0.04
N GLN C 130 32.42 44.09 1.32
CA GLN C 130 33.72 43.56 1.70
C GLN C 130 33.81 42.06 1.43
N ALA C 131 32.69 41.32 1.51
CA ALA C 131 32.65 39.96 1.01
C ALA C 131 32.54 39.89 -0.51
N ASN C 132 32.95 40.95 -1.21
CA ASN C 132 33.04 40.97 -2.67
C ASN C 132 31.71 40.59 -3.36
N LYS C 133 30.58 40.98 -2.75
CA LYS C 133 29.29 40.91 -3.43
C LYS C 133 28.49 42.19 -3.15
N ALA C 134 27.42 42.40 -3.93
CA ALA C 134 26.60 43.60 -3.86
C ALA C 134 25.13 43.30 -4.19
N THR C 135 24.21 43.89 -3.42
CA THR C 135 22.78 43.81 -3.69
C THR C 135 22.12 45.14 -3.36
N LEU C 136 21.30 45.65 -4.28
CA LEU C 136 20.40 46.79 -4.06
C LEU C 136 19.03 46.25 -3.66
N VAL C 137 18.48 46.75 -2.55
CA VAL C 137 17.26 46.18 -1.98
C VAL C 137 16.19 47.28 -1.96
N CYS C 138 15.31 47.26 -2.95
CA CYS C 138 14.20 48.19 -3.06
C CYS C 138 13.01 47.63 -2.29
N LEU C 139 12.54 48.36 -1.26
CA LEU C 139 11.45 47.91 -0.41
C LEU C 139 10.23 48.80 -0.57
N ILE C 140 9.10 48.19 -0.94
CA ILE C 140 7.90 48.85 -1.40
C ILE C 140 6.77 48.55 -0.42
N SER C 141 6.17 49.60 0.12
CA SER C 141 5.41 49.55 1.35
C SER C 141 4.11 50.35 1.23
N ASP C 142 3.04 49.84 1.86
CA ASP C 142 1.81 50.59 2.17
C ASP C 142 1.04 51.07 0.93
N PHE C 143 0.86 50.20 -0.05
CA PHE C 143 0.10 50.63 -1.22
C PHE C 143 -1.19 49.83 -1.35
N TYR C 144 -2.14 50.40 -2.10
CA TYR C 144 -3.39 49.82 -2.25
C TYR C 144 -3.98 50.34 -3.55
N PRO C 145 -4.43 49.45 -4.46
CA PRO C 145 -4.43 47.99 -4.29
C PRO C 145 -3.10 47.33 -4.57
N GLY C 146 -3.11 46.00 -4.76
CA GLY C 146 -1.89 45.21 -4.62
C GLY C 146 -0.86 45.42 -5.71
N ALA C 147 -1.28 45.42 -6.98
CA ALA C 147 -0.35 45.40 -8.12
C ALA C 147 0.66 46.55 -8.10
N VAL C 148 1.87 46.24 -8.59
CA VAL C 148 2.94 47.22 -8.83
C VAL C 148 3.79 46.69 -9.98
N THR C 149 4.53 47.59 -10.61
CA THR C 149 5.52 47.22 -11.61
C THR C 149 6.81 47.92 -11.25
N VAL C 150 7.93 47.19 -11.35
CA VAL C 150 9.21 47.63 -10.80
C VAL C 150 10.24 47.71 -11.90
N ALA C 151 10.89 48.87 -12.03
CA ALA C 151 11.88 49.06 -13.07
C ALA C 151 13.17 49.54 -12.44
N TRP C 152 14.29 49.14 -13.02
CA TRP C 152 15.59 49.50 -12.51
C TRP C 152 16.37 50.28 -13.57
N LYS C 153 17.22 51.18 -13.09
CA LYS C 153 18.02 52.02 -13.95
C LYS C 153 19.39 52.19 -13.30
N ALA C 154 20.42 52.00 -14.11
CA ALA C 154 21.76 52.48 -13.80
C ALA C 154 22.07 53.61 -14.76
N ASP C 155 22.47 54.77 -14.22
CA ASP C 155 22.87 55.92 -15.05
C ASP C 155 21.81 56.20 -16.11
N SER C 156 20.54 56.11 -15.72
CA SER C 156 19.40 56.38 -16.60
C SER C 156 19.19 55.30 -17.67
N SER C 157 20.13 54.33 -17.83
CA SER C 157 19.76 53.33 -18.82
C SER C 157 19.13 52.12 -18.13
N PRO C 158 18.26 51.37 -18.81
CA PRO C 158 17.48 50.33 -18.13
C PRO C 158 18.30 49.08 -17.79
N VAL C 159 18.00 48.52 -16.63
CA VAL C 159 18.54 47.23 -16.20
C VAL C 159 17.38 46.27 -16.02
N LYS C 160 17.39 45.17 -16.78
CA LYS C 160 16.31 44.21 -16.76
C LYS C 160 16.74 42.84 -16.24
N ALA C 161 17.79 42.25 -16.80
CA ALA C 161 18.29 40.99 -16.28
C ALA C 161 19.01 41.21 -14.96
N GLY C 162 18.99 40.18 -14.12
CA GLY C 162 19.55 40.30 -12.78
C GLY C 162 18.60 40.88 -11.75
N VAL C 163 17.30 40.93 -12.04
CA VAL C 163 16.29 41.54 -11.18
C VAL C 163 15.35 40.44 -10.71
N GLU C 164 15.00 40.46 -9.43
CA GLU C 164 14.06 39.51 -8.86
C GLU C 164 13.11 40.25 -7.94
N THR C 165 11.79 40.07 -8.17
CA THR C 165 10.78 40.83 -7.44
C THR C 165 9.71 39.89 -6.90
N THR C 166 9.28 40.14 -5.66
CA THR C 166 8.22 39.34 -5.04
C THR C 166 6.84 39.82 -5.46
N THR C 167 5.88 38.88 -5.43
CA THR C 167 4.47 39.24 -5.54
C THR C 167 4.05 40.01 -4.28
N PRO C 168 3.24 41.05 -4.43
CA PRO C 168 2.81 41.83 -3.25
C PRO C 168 2.00 40.99 -2.29
N SER C 169 2.23 41.19 -1.01
CA SER C 169 1.51 40.45 0.02
C SER C 169 1.08 41.42 1.10
N LYS C 170 0.15 40.95 1.93
CA LYS C 170 -0.48 41.83 2.91
C LYS C 170 0.47 42.17 4.04
N GLN C 171 0.38 43.40 4.52
CA GLN C 171 1.09 43.88 5.70
C GLN C 171 0.21 43.67 6.94
N SER C 172 0.79 43.90 8.11
CA SER C 172 0.01 43.85 9.34
C SER C 172 -1.17 44.83 9.28
N ASN C 173 -0.94 46.02 8.73
CA ASN C 173 -1.96 47.06 8.67
C ASN C 173 -2.88 46.92 7.47
N ASN C 174 -2.93 45.74 6.86
CA ASN C 174 -3.85 45.42 5.77
C ASN C 174 -3.61 46.28 4.53
N LYS C 175 -2.37 46.68 4.30
CA LYS C 175 -1.92 47.28 3.05
C LYS C 175 -0.95 46.31 2.39
N TYR C 176 -0.42 46.68 1.23
CA TYR C 176 0.47 45.77 0.54
C TYR C 176 1.93 46.21 0.64
N ALA C 177 2.80 45.22 0.56
CA ALA C 177 4.23 45.45 0.47
C ALA C 177 4.79 44.49 -0.58
N ALA C 178 5.97 44.83 -1.09
CA ALA C 178 6.64 44.03 -2.10
C ALA C 178 8.12 44.33 -2.02
N SER C 179 8.92 43.43 -2.59
CA SER C 179 10.36 43.60 -2.58
C SER C 179 10.93 43.28 -3.95
N SER C 180 12.02 43.98 -4.31
CA SER C 180 12.77 43.69 -5.54
C SER C 180 14.25 43.89 -5.30
N TYR C 181 15.06 43.15 -6.06
CA TYR C 181 16.50 43.05 -5.84
C TYR C 181 17.24 43.18 -7.16
N LEU C 182 18.25 44.02 -7.19
CA LEU C 182 19.22 44.05 -8.27
C LEU C 182 20.53 43.49 -7.71
N SER C 183 20.98 42.38 -8.27
CA SER C 183 22.25 41.82 -7.85
C SER C 183 23.37 42.41 -8.71
N LEU C 184 24.53 42.64 -8.10
CA LEU C 184 25.55 43.42 -8.76
C LEU C 184 26.92 42.95 -8.29
N THR C 185 27.90 42.99 -9.20
CA THR C 185 29.25 42.84 -8.67
C THR C 185 29.73 44.17 -8.09
N PRO C 186 30.63 44.13 -7.11
CA PRO C 186 31.18 45.38 -6.55
C PRO C 186 31.83 46.24 -7.60
N GLU C 187 32.37 45.63 -8.63
CA GLU C 187 32.96 46.45 -9.68
C GLU C 187 31.87 47.22 -10.42
N GLN C 188 30.76 46.57 -10.74
CA GLN C 188 29.74 47.34 -11.45
C GLN C 188 28.93 48.23 -10.53
N TRP C 189 29.10 48.10 -9.21
CA TRP C 189 28.47 49.05 -8.31
C TRP C 189 29.29 50.33 -8.18
N LYS C 190 30.62 50.22 -8.16
CA LYS C 190 31.46 51.42 -8.13
C LYS C 190 31.42 52.18 -9.44
N SER C 191 31.12 51.52 -10.56
CA SER C 191 31.34 52.08 -11.88
C SER C 191 30.22 52.99 -12.38
N HIS C 192 29.00 52.92 -11.85
CA HIS C 192 27.94 53.81 -12.32
C HIS C 192 27.71 54.97 -11.35
N LYS C 193 27.16 56.06 -11.88
CA LYS C 193 26.98 57.27 -11.08
C LYS C 193 25.80 57.13 -10.12
N SER C 194 24.81 56.33 -10.49
CA SER C 194 23.58 56.21 -9.72
C SER C 194 22.86 54.95 -10.16
N TYR C 195 22.02 54.44 -9.27
CA TYR C 195 21.12 53.33 -9.55
C TYR C 195 19.73 53.74 -9.08
N SER C 196 18.70 53.30 -9.80
CA SER C 196 17.34 53.77 -9.50
C SER C 196 16.35 52.60 -9.45
N CYS C 197 15.39 52.70 -8.54
CA CYS C 197 14.28 51.76 -8.44
C CYS C 197 12.99 52.55 -8.69
N GLN C 198 12.21 52.11 -9.67
CA GLN C 198 11.00 52.79 -10.08
C GLN C 198 9.80 51.87 -9.91
N VAL C 199 8.81 52.31 -9.15
CA VAL C 199 7.63 51.51 -8.88
C VAL C 199 6.43 52.23 -9.45
N THR C 200 5.72 51.58 -10.36
CA THR C 200 4.50 52.12 -10.93
C THR C 200 3.31 51.45 -10.24
N HIS C 201 2.49 52.28 -9.62
CA HIS C 201 1.29 51.86 -8.92
C HIS C 201 0.14 52.63 -9.55
N GLU C 202 -0.88 51.89 -10.01
CA GLU C 202 -2.06 52.44 -10.70
C GLU C 202 -1.69 53.60 -11.62
N GLY C 203 -0.66 53.40 -12.44
CA GLY C 203 -0.32 54.31 -13.52
C GLY C 203 0.67 55.39 -13.16
N SER C 204 1.13 55.45 -11.92
CA SER C 204 1.93 56.56 -11.42
C SER C 204 3.17 56.04 -10.73
N THR C 205 4.34 56.37 -11.30
CA THR C 205 5.62 55.86 -10.84
C THR C 205 6.15 56.65 -9.65
N VAL C 206 6.73 55.95 -8.68
CA VAL C 206 7.54 56.54 -7.62
C VAL C 206 8.96 56.01 -7.76
N GLU C 207 9.95 56.91 -7.69
CA GLU C 207 11.34 56.58 -8.00
C GLU C 207 12.20 56.84 -6.78
N LYS C 208 13.21 56.01 -6.58
CA LYS C 208 14.22 56.25 -5.56
C LYS C 208 15.57 55.90 -6.13
N THR C 209 16.57 56.67 -5.71
CA THR C 209 17.88 56.69 -6.33
C THR C 209 18.93 56.73 -5.24
N VAL C 210 20.06 56.10 -5.54
CA VAL C 210 21.14 55.94 -4.58
C VAL C 210 22.47 56.06 -5.34
N ALA C 211 23.52 56.47 -4.63
CA ALA C 211 24.80 56.75 -5.29
C ALA C 211 25.94 56.05 -4.58
N PRO C 212 26.82 55.36 -5.32
CA PRO C 212 28.01 54.77 -4.69
C PRO C 212 28.90 55.81 -4.06
N THR C 213 28.96 57.00 -4.66
CA THR C 213 29.87 58.03 -4.15
C THR C 213 29.49 58.42 -2.72
N GLU C 214 28.20 58.39 -2.39
CA GLU C 214 27.79 58.63 -1.01
C GLU C 214 26.65 57.71 -0.57
N ILE D 2 50.22 -5.32 -14.68
CA ILE D 2 49.48 -5.50 -13.43
C ILE D 2 48.15 -6.35 -13.46
N PRO D 3 47.38 -6.39 -14.56
CA PRO D 3 45.97 -6.85 -14.45
C PRO D 3 45.83 -8.34 -14.11
N LYS D 4 45.00 -8.63 -13.11
CA LYS D 4 44.78 -9.97 -12.60
C LYS D 4 43.29 -10.14 -12.26
N ALA D 5 42.60 -11.03 -12.96
CA ALA D 5 41.21 -11.35 -12.64
C ALA D 5 41.16 -12.50 -11.65
N CYS D 6 40.21 -12.43 -10.70
CA CYS D 6 40.08 -13.44 -9.65
C CYS D 6 38.62 -13.66 -9.33
N GLU D 7 38.31 -14.84 -8.82
CA GLU D 7 36.92 -15.17 -8.54
C GLU D 7 36.43 -14.45 -7.30
N GLY D 8 35.13 -14.22 -7.26
CA GLY D 8 34.52 -13.53 -6.13
C GLY D 8 33.86 -14.47 -5.14
N THR D 9 33.07 -13.89 -4.28
CA THR D 9 32.38 -14.65 -3.26
C THR D 9 30.91 -14.68 -3.62
N GLY D 10 30.11 -15.20 -2.68
CA GLY D 10 28.66 -15.15 -2.80
C GLY D 10 28.13 -16.10 -3.85
N SER D 11 27.05 -15.67 -4.51
CA SER D 11 26.38 -16.47 -5.53
C SER D 11 27.35 -16.94 -6.58
N GLY D 12 27.28 -18.23 -6.88
CA GLY D 12 28.24 -18.81 -7.79
C GLY D 12 29.62 -19.07 -7.22
N SER D 13 29.82 -18.92 -5.91
CA SER D 13 31.14 -19.16 -5.35
C SER D 13 31.10 -20.19 -4.22
N ARG D 14 32.28 -20.73 -3.91
CA ARG D 14 32.42 -21.68 -2.80
C ARG D 14 32.18 -20.98 -1.48
N PHE D 15 32.62 -19.73 -1.36
CA PHE D 15 32.53 -19.00 -0.12
C PHE D 15 31.38 -18.02 -0.16
N GLN D 16 30.59 -17.99 0.92
CA GLN D 16 29.59 -16.95 1.06
C GLN D 16 30.19 -15.63 1.48
N THR D 17 31.41 -15.60 2.01
CA THR D 17 31.97 -14.38 2.55
C THR D 17 33.50 -14.40 2.48
N VAL D 18 34.09 -13.22 2.30
CA VAL D 18 35.53 -13.04 2.50
C VAL D 18 35.86 -13.34 3.96
N ASP D 19 36.95 -14.07 4.20
CA ASP D 19 37.34 -14.40 5.58
C ASP D 19 38.81 -14.85 5.60
N SER D 20 39.26 -15.26 6.79
CA SER D 20 40.60 -15.82 6.98
C SER D 20 40.93 -16.88 5.93
N SER D 21 40.02 -17.81 5.70
CA SER D 21 40.28 -18.92 4.79
C SER D 21 40.60 -18.44 3.38
N ASN D 22 40.02 -17.31 2.94
CA ASN D 22 40.14 -16.93 1.54
C ASN D 22 40.77 -15.56 1.28
N ILE D 23 41.02 -14.75 2.33
CA ILE D 23 41.41 -13.36 2.08
C ILE D 23 42.71 -13.29 1.30
N ASP D 24 43.62 -14.22 1.54
CA ASP D 24 44.89 -14.19 0.82
C ASP D 24 44.71 -14.40 -0.69
N GLY D 25 43.61 -15.04 -1.12
CA GLY D 25 43.38 -15.26 -2.53
C GLY D 25 43.26 -13.99 -3.36
N PHE D 26 42.82 -12.88 -2.75
CA PHE D 26 42.62 -11.63 -3.46
C PHE D 26 43.86 -10.76 -3.48
N VAL D 27 45.04 -11.36 -3.32
CA VAL D 27 46.26 -10.56 -3.34
C VAL D 27 46.52 -10.09 -4.76
N ASN D 28 46.71 -8.78 -4.91
CA ASN D 28 47.08 -8.14 -6.16
C ASN D 28 46.02 -8.29 -7.27
N CYS D 29 44.77 -8.68 -6.94
CA CYS D 29 43.71 -8.80 -7.95
C CYS D 29 43.21 -7.42 -8.37
N THR D 30 42.88 -7.30 -9.66
CA THR D 30 42.38 -6.05 -10.25
C THR D 30 40.91 -6.14 -10.66
N LYS D 31 40.50 -7.28 -11.19
CA LYS D 31 39.12 -7.56 -11.52
C LYS D 31 38.59 -8.67 -10.61
N ILE D 32 37.31 -8.59 -10.29
CA ILE D 32 36.62 -9.62 -9.51
C ILE D 32 35.57 -10.23 -10.42
N LEU D 33 35.80 -11.48 -10.83
CA LEU D 33 34.85 -12.20 -11.67
C LEU D 33 33.77 -12.78 -10.76
N GLY D 34 32.79 -11.94 -10.46
CA GLY D 34 31.79 -12.25 -9.46
C GLY D 34 31.62 -11.12 -8.48
N ASN D 35 31.34 -11.45 -7.23
CA ASN D 35 30.92 -10.49 -6.22
C ASN D 35 31.93 -10.46 -5.08
N LEU D 36 31.64 -9.63 -4.08
CA LEU D 36 32.40 -9.58 -2.84
C LEU D 36 31.41 -9.43 -1.69
N ASP D 37 31.51 -10.32 -0.70
CA ASP D 37 30.56 -10.37 0.42
C ASP D 37 31.32 -10.17 1.73
N PHE D 38 30.88 -9.19 2.52
CA PHE D 38 31.47 -8.92 3.84
C PHE D 38 30.38 -9.14 4.89
N LEU D 39 30.27 -10.40 5.34
CA LEU D 39 29.29 -10.86 6.31
C LEU D 39 29.87 -10.89 7.72
N ILE D 40 28.97 -10.90 8.71
CA ILE D 40 29.38 -10.80 10.11
C ILE D 40 30.27 -11.97 10.52
N THR D 41 29.97 -13.18 10.03
CA THR D 41 30.83 -14.31 10.32
C THR D 41 32.16 -14.25 9.58
N GLY D 42 32.21 -13.59 8.42
CA GLY D 42 33.49 -13.45 7.74
C GLY D 42 34.46 -12.57 8.53
N LEU D 43 33.95 -11.52 9.16
CA LEU D 43 34.81 -10.65 9.97
C LEU D 43 35.14 -11.28 11.31
N ASN D 44 34.16 -11.92 11.93
CA ASN D 44 34.31 -12.44 13.28
C ASN D 44 34.54 -13.93 13.35
N GLY D 45 34.60 -14.62 12.21
CA GLY D 45 34.88 -16.04 12.23
C GLY D 45 33.65 -16.90 12.46
N ASP D 46 33.41 -17.87 11.59
CA ASP D 46 32.26 -18.74 11.79
C ASP D 46 32.59 -19.80 12.84
N PRO D 47 31.93 -19.79 14.00
CA PRO D 47 32.25 -20.78 15.03
C PRO D 47 31.87 -22.21 14.65
N TRP D 48 30.89 -22.40 13.76
CA TRP D 48 30.57 -23.75 13.31
C TRP D 48 31.64 -24.30 12.36
N HIS D 49 32.16 -23.47 11.47
CA HIS D 49 33.41 -23.85 10.80
C HIS D 49 34.60 -23.71 11.73
N LYS D 50 34.44 -22.99 12.85
CA LYS D 50 35.53 -22.53 13.71
C LYS D 50 36.77 -22.13 12.88
N ILE D 51 36.53 -21.27 11.90
CA ILE D 51 37.63 -20.61 11.20
C ILE D 51 37.75 -19.20 11.76
N PRO D 52 38.96 -18.68 11.95
CA PRO D 52 39.13 -17.52 12.85
C PRO D 52 38.64 -16.21 12.25
N ALA D 53 38.46 -15.24 13.14
CA ALA D 53 38.04 -13.89 12.74
C ALA D 53 39.09 -13.23 11.86
N LEU D 54 38.64 -12.36 10.98
CA LEU D 54 39.49 -11.76 9.96
C LEU D 54 40.34 -10.65 10.55
N ASP D 55 41.63 -10.64 10.22
CA ASP D 55 42.54 -9.58 10.63
C ASP D 55 42.19 -8.32 9.85
N PRO D 56 41.73 -7.23 10.51
CA PRO D 56 41.38 -6.01 9.76
C PRO D 56 42.46 -5.55 8.78
N GLU D 57 43.73 -5.78 9.10
CA GLU D 57 44.82 -5.32 8.23
C GLU D 57 44.77 -5.98 6.86
N LYS D 58 44.34 -7.23 6.80
CA LYS D 58 44.41 -7.91 5.52
C LYS D 58 43.41 -7.33 4.53
N LEU D 59 42.46 -6.51 5.00
CA LEU D 59 41.51 -5.85 4.11
C LEU D 59 42.21 -4.98 3.09
N ASN D 60 43.47 -4.66 3.29
CA ASN D 60 44.14 -3.74 2.39
C ASN D 60 44.51 -4.39 1.08
N VAL D 61 44.24 -5.70 0.90
CA VAL D 61 44.54 -6.31 -0.40
C VAL D 61 43.65 -5.73 -1.49
N PHE D 62 42.51 -5.15 -1.13
CA PHE D 62 41.54 -4.75 -2.15
C PHE D 62 41.88 -3.42 -2.82
N ARG D 63 42.93 -2.71 -2.38
CA ARG D 63 43.31 -1.44 -2.99
C ARG D 63 43.79 -1.58 -4.44
N THR D 64 43.94 -2.82 -4.92
CA THR D 64 44.25 -3.10 -6.32
C THR D 64 43.01 -3.36 -7.17
N VAL D 65 41.84 -3.55 -6.54
CA VAL D 65 40.64 -3.90 -7.30
C VAL D 65 40.12 -2.69 -8.07
N ARG D 66 40.05 -2.81 -9.39
CA ARG D 66 39.47 -1.78 -10.25
C ARG D 66 38.03 -2.06 -10.61
N GLU D 67 37.64 -3.33 -10.66
CA GLU D 67 36.33 -3.67 -11.16
C GLU D 67 35.83 -4.92 -10.47
N ILE D 68 34.55 -4.89 -10.12
CA ILE D 68 33.81 -6.02 -9.60
C ILE D 68 32.64 -6.20 -10.55
N THR D 69 32.64 -7.30 -11.32
CA THR D 69 31.63 -7.47 -12.36
C THR D 69 30.23 -7.71 -11.79
N GLY D 70 30.14 -8.33 -10.62
CA GLY D 70 28.87 -8.54 -9.94
C GLY D 70 28.59 -7.47 -8.91
N TYR D 71 28.22 -7.87 -7.69
CA TYR D 71 27.78 -6.92 -6.65
C TYR D 71 28.82 -6.82 -5.53
N LEU D 72 28.64 -5.81 -4.70
CA LEU D 72 29.48 -5.56 -3.53
C LEU D 72 28.57 -5.43 -2.33
N ASN D 73 28.79 -6.24 -1.31
CA ASN D 73 27.82 -6.38 -0.23
C ASN D 73 28.59 -6.34 1.07
N ILE D 74 28.37 -5.31 1.88
CA ILE D 74 29.19 -5.01 3.04
C ILE D 74 28.26 -4.82 4.23
N GLN D 75 28.30 -5.77 5.16
CA GLN D 75 27.45 -5.76 6.34
C GLN D 75 28.25 -5.80 7.61
N SER D 76 29.57 -5.82 7.51
CA SER D 76 30.45 -6.00 8.65
C SER D 76 31.77 -5.34 8.30
N TRP D 77 32.20 -4.42 9.14
CA TRP D 77 33.42 -3.73 8.82
C TRP D 77 34.15 -3.57 10.13
N PRO D 78 35.48 -3.66 10.13
CA PRO D 78 36.24 -3.48 11.40
C PRO D 78 35.88 -2.16 12.06
N PRO D 79 35.58 -2.18 13.36
CA PRO D 79 35.00 -0.98 14.02
C PRO D 79 35.89 0.26 13.98
N HIS D 80 37.21 0.12 13.91
CA HIS D 80 38.04 1.32 13.79
C HIS D 80 38.23 1.76 12.35
N MET D 81 37.72 1.01 11.37
CA MET D 81 37.80 1.44 9.96
C MET D 81 36.54 2.23 9.63
N HIS D 82 36.71 3.55 9.52
CA HIS D 82 35.63 4.52 9.46
C HIS D 82 35.19 4.82 8.03
N ASN D 83 35.81 4.18 7.05
CA ASN D 83 35.47 4.35 5.65
C ASN D 83 35.87 3.09 4.91
N PHE D 84 35.52 3.05 3.64
CA PHE D 84 35.93 1.94 2.79
C PHE D 84 37.12 2.34 1.93
N SER D 85 38.14 2.81 2.64
CA SER D 85 39.33 3.35 1.97
C SER D 85 39.97 2.31 1.07
N VAL D 86 39.89 1.04 1.45
CA VAL D 86 40.57 0.00 0.68
C VAL D 86 39.95 -0.19 -0.70
N PHE D 87 38.75 0.34 -0.92
CA PHE D 87 38.11 0.27 -2.22
C PHE D 87 38.22 1.59 -2.99
N SER D 88 39.28 2.37 -2.74
CA SER D 88 39.42 3.68 -3.35
C SER D 88 39.81 3.62 -4.81
N ASN D 89 40.53 2.59 -5.23
CA ASN D 89 40.78 2.38 -6.65
C ASN D 89 39.59 1.80 -7.38
N LEU D 90 38.57 1.33 -6.69
CA LEU D 90 37.48 0.62 -7.35
C LEU D 90 36.71 1.59 -8.22
N THR D 91 36.63 1.30 -9.52
CA THR D 91 35.98 2.18 -10.48
C THR D 91 34.69 1.64 -11.05
N THR D 92 34.50 0.32 -11.06
CA THR D 92 33.35 -0.25 -11.75
C THR D 92 32.75 -1.37 -10.92
N ILE D 93 31.43 -1.33 -10.80
CA ILE D 93 30.63 -2.40 -10.24
C ILE D 93 29.65 -2.79 -11.31
N GLY D 94 29.86 -3.96 -11.92
CA GLY D 94 29.11 -4.30 -13.12
C GLY D 94 27.64 -4.57 -12.84
N GLY D 95 27.35 -5.14 -11.68
CA GLY D 95 25.98 -5.55 -11.42
C GLY D 95 25.50 -6.66 -12.31
N ARG D 96 26.42 -7.43 -12.90
CA ARG D 96 26.00 -8.53 -13.78
C ARG D 96 25.41 -9.68 -12.98
N SER D 97 25.62 -9.72 -11.67
CA SER D 97 24.82 -10.53 -10.77
C SER D 97 24.44 -9.69 -9.56
N LEU D 98 23.30 -10.04 -8.95
CA LEU D 98 22.59 -9.18 -8.02
C LEU D 98 22.32 -9.90 -6.69
N TYR D 99 22.46 -9.15 -5.60
CA TYR D 99 22.23 -9.64 -4.24
C TYR D 99 20.81 -9.29 -3.77
N ASN D 100 20.10 -10.29 -3.24
CA ASN D 100 18.76 -10.12 -2.63
C ASN D 100 17.82 -9.63 -3.74
N ARG D 101 16.97 -8.65 -3.46
CA ARG D 101 15.95 -8.22 -4.42
C ARG D 101 16.48 -7.14 -5.37
N GLY D 102 17.60 -7.49 -6.03
CA GLY D 102 18.09 -6.76 -7.18
C GLY D 102 19.20 -5.74 -6.95
N PHE D 103 20.10 -5.97 -5.98
CA PHE D 103 21.03 -4.94 -5.54
C PHE D 103 22.44 -5.20 -6.06
N SER D 104 23.00 -4.18 -6.71
CA SER D 104 24.39 -4.20 -7.13
C SER D 104 25.33 -3.71 -6.05
N LEU D 105 24.88 -2.79 -5.20
CA LEU D 105 25.72 -2.23 -4.15
C LEU D 105 24.92 -2.21 -2.87
N LEU D 106 25.54 -2.66 -1.78
CA LEU D 106 24.81 -2.85 -0.54
C LEU D 106 25.73 -2.49 0.62
N ILE D 107 25.34 -1.50 1.42
CA ILE D 107 26.08 -1.09 2.60
C ILE D 107 25.06 -0.94 3.72
N MET D 108 25.09 -1.84 4.69
CA MET D 108 24.02 -1.97 5.67
C MET D 108 24.57 -2.10 7.08
N LYS D 109 23.91 -1.40 8.01
CA LYS D 109 24.12 -1.51 9.46
C LYS D 109 25.61 -1.55 9.82
N ASN D 110 26.36 -0.66 9.20
CA ASN D 110 27.77 -0.49 9.52
C ASN D 110 27.89 0.74 10.42
N LEU D 111 28.20 0.50 11.69
CA LEU D 111 27.92 1.49 12.72
C LEU D 111 29.08 2.43 12.97
N ASN D 112 30.31 2.05 12.65
CA ASN D 112 31.42 2.97 12.85
C ASN D 112 31.87 3.63 11.56
N VAL D 113 31.09 3.46 10.49
CA VAL D 113 31.43 4.01 9.17
C VAL D 113 30.86 5.44 9.09
N THR D 114 31.76 6.42 8.93
CA THR D 114 31.35 7.82 8.92
C THR D 114 31.36 8.44 7.53
N SER D 115 32.12 7.87 6.60
CA SER D 115 32.14 8.25 5.20
C SER D 115 32.29 6.98 4.37
N LEU D 116 32.14 7.10 3.05
CA LEU D 116 32.25 5.96 2.16
C LEU D 116 33.66 5.81 1.59
N GLY D 117 34.15 6.84 0.90
CA GLY D 117 35.50 6.78 0.37
C GLY D 117 35.67 6.00 -0.92
N PHE D 118 34.62 5.86 -1.72
CA PHE D 118 34.72 5.24 -3.04
C PHE D 118 35.26 6.25 -4.06
N ARG D 119 36.46 6.75 -3.75
CA ARG D 119 37.04 7.93 -4.41
C ARG D 119 36.96 7.84 -5.93
N SER D 120 37.26 6.67 -6.50
CA SER D 120 37.39 6.50 -7.94
C SER D 120 36.14 5.95 -8.63
N LEU D 121 35.07 5.63 -7.88
CA LEU D 121 33.97 4.86 -8.45
C LEU D 121 33.09 5.74 -9.34
N LYS D 122 33.03 5.42 -10.63
CA LYS D 122 32.25 6.18 -11.59
C LYS D 122 31.18 5.39 -12.32
N GLU D 123 31.17 4.06 -12.22
CA GLU D 123 30.26 3.26 -13.02
C GLU D 123 29.65 2.15 -12.18
N ILE D 124 28.33 2.21 -11.96
CA ILE D 124 27.52 1.07 -11.52
C ILE D 124 26.63 0.70 -12.69
N SER D 125 26.92 -0.44 -13.33
CA SER D 125 26.22 -0.75 -14.57
C SER D 125 24.77 -1.17 -14.37
N ALA D 126 24.44 -1.82 -13.25
CA ALA D 126 23.11 -2.39 -13.07
C ALA D 126 22.76 -2.41 -11.59
N GLY D 127 21.51 -2.77 -11.32
CA GLY D 127 21.10 -3.08 -9.97
C GLY D 127 20.70 -1.85 -9.19
N ARG D 128 20.01 -2.10 -8.08
CA ARG D 128 19.64 -1.03 -7.19
C ARG D 128 20.76 -0.84 -6.18
N ILE D 129 20.68 0.23 -5.43
CA ILE D 129 21.72 0.60 -4.49
C ILE D 129 21.12 0.63 -3.09
N TYR D 130 21.76 -0.04 -2.15
CA TYR D 130 21.28 -0.10 -0.79
C TYR D 130 22.32 0.52 0.13
N ILE D 131 21.93 1.57 0.84
CA ILE D 131 22.76 2.16 1.87
C ILE D 131 21.85 2.62 2.99
N SER D 132 21.68 1.79 4.02
CA SER D 132 20.82 2.09 5.16
C SER D 132 21.44 1.57 6.44
N ALA D 133 21.04 2.22 7.56
CA ALA D 133 21.32 1.83 8.93
C ALA D 133 22.79 2.01 9.31
N ASN D 134 23.56 2.75 8.52
CA ASN D 134 24.87 3.24 8.94
C ASN D 134 24.63 4.52 9.70
N ARG D 135 24.43 4.39 11.01
CA ARG D 135 23.92 5.49 11.83
C ARG D 135 24.89 6.66 11.95
N GLN D 136 26.17 6.50 11.60
CA GLN D 136 27.14 7.59 11.62
C GLN D 136 27.54 8.04 10.24
N LEU D 137 26.83 7.59 9.20
CA LEU D 137 27.28 7.83 7.83
C LEU D 137 26.82 9.21 7.33
N CYS D 138 27.76 9.99 6.80
CA CYS D 138 27.48 11.29 6.18
C CYS D 138 28.14 11.43 4.80
N TYR D 139 28.10 12.65 4.25
CA TYR D 139 28.73 13.06 2.98
C TYR D 139 28.04 12.49 1.75
N HIS D 140 27.17 11.51 1.96
CA HIS D 140 26.44 10.86 0.88
C HIS D 140 25.16 11.59 0.50
N HIS D 141 24.68 12.50 1.36
CA HIS D 141 23.32 13.02 1.23
C HIS D 141 23.08 13.73 -0.10
N SER D 142 24.13 14.30 -0.69
CA SER D 142 24.00 15.09 -1.90
C SER D 142 24.49 14.36 -3.15
N LEU D 143 25.07 13.18 -3.00
CA LEU D 143 25.69 12.52 -4.12
C LEU D 143 24.70 12.29 -5.25
N ASN D 144 25.06 12.76 -6.44
CA ASN D 144 24.21 12.60 -7.62
C ASN D 144 24.45 11.22 -8.21
N TRP D 145 23.65 10.23 -7.75
CA TRP D 145 23.81 8.86 -8.23
C TRP D 145 23.50 8.71 -9.71
N THR D 146 22.82 9.69 -10.31
CA THR D 146 22.50 9.63 -11.75
C THR D 146 23.76 9.62 -12.59
N LYS D 147 24.80 10.32 -12.13
CA LYS D 147 26.08 10.30 -12.81
C LYS D 147 26.73 8.92 -12.74
N VAL D 148 26.51 8.17 -11.66
CA VAL D 148 27.17 6.88 -11.43
C VAL D 148 26.42 5.72 -12.08
N LEU D 149 25.08 5.69 -12.04
CA LEU D 149 24.34 4.64 -12.75
C LEU D 149 24.14 4.96 -14.22
N ARG D 150 24.28 6.23 -14.61
CA ARG D 150 24.03 6.74 -15.97
C ARG D 150 22.63 6.35 -16.44
N GLY D 151 21.65 6.54 -15.57
CA GLY D 151 20.31 6.04 -15.81
C GLY D 151 19.24 6.82 -15.07
N PRO D 152 18.03 6.24 -15.03
CA PRO D 152 16.89 6.98 -14.46
C PRO D 152 17.06 7.32 -12.99
N THR D 153 17.39 6.33 -12.16
CA THR D 153 17.73 6.46 -10.74
C THR D 153 16.50 6.44 -9.84
N GLU D 154 15.34 6.80 -10.39
CA GLU D 154 14.08 6.46 -9.74
C GLU D 154 13.95 4.95 -9.63
N GLU D 155 13.47 4.48 -8.47
CA GLU D 155 13.33 3.06 -8.17
C GLU D 155 14.68 2.34 -8.26
N ARG D 156 15.74 3.03 -7.87
CA ARG D 156 17.05 2.40 -7.85
C ARG D 156 17.85 2.87 -6.65
N LEU D 157 17.21 3.56 -5.71
CA LEU D 157 17.83 3.93 -4.45
C LEU D 157 17.01 3.40 -3.29
N ASP D 158 17.74 2.85 -2.31
CA ASP D 158 17.22 2.43 -1.02
C ASP D 158 18.25 2.96 0.00
N ILE D 159 18.18 4.27 0.26
CA ILE D 159 19.11 4.99 1.12
C ILE D 159 18.29 5.60 2.25
N LYS D 160 18.40 5.01 3.46
CA LYS D 160 17.53 5.36 4.58
C LYS D 160 18.29 5.15 5.90
N HIS D 161 17.82 5.84 6.96
CA HIS D 161 18.29 5.59 8.33
C HIS D 161 19.80 5.65 8.48
N ASN D 162 20.48 6.46 7.68
CA ASN D 162 21.87 6.71 8.03
C ASN D 162 21.95 7.88 9.00
N ARG D 163 23.02 8.63 9.02
CA ARG D 163 23.04 9.82 9.89
C ARG D 163 22.12 10.89 9.30
N PRO D 164 21.20 11.46 10.10
CA PRO D 164 20.26 12.47 9.56
C PRO D 164 20.97 13.59 8.83
N ARG D 165 20.37 14.05 7.73
CA ARG D 165 20.97 15.07 6.88
C ARG D 165 21.26 16.36 7.67
N ARG D 166 20.27 16.86 8.44
CA ARG D 166 20.46 18.13 9.16
C ARG D 166 21.55 18.03 10.23
N ASP D 167 21.78 16.84 10.78
CA ASP D 167 22.84 16.67 11.77
C ASP D 167 24.22 16.72 11.11
N CYS D 168 24.35 16.09 9.93
CA CYS D 168 25.59 16.19 9.16
C CYS D 168 25.89 17.64 8.84
N VAL D 169 24.87 18.40 8.45
CA VAL D 169 25.05 19.80 8.11
C VAL D 169 25.43 20.61 9.36
N ALA D 170 24.73 20.36 10.46
CA ALA D 170 25.03 21.06 11.72
C ALA D 170 26.47 20.85 12.14
N GLU D 171 27.00 19.65 11.94
CA GLU D 171 28.34 19.32 12.38
C GLU D 171 29.36 19.45 11.28
N GLY D 172 29.05 20.18 10.20
CA GLY D 172 30.01 20.41 9.13
C GLY D 172 30.37 19.21 8.28
N LYS D 173 29.74 18.06 8.52
CA LYS D 173 30.00 16.84 7.75
C LYS D 173 29.30 16.91 6.38
N VAL D 174 29.79 17.83 5.55
CA VAL D 174 29.29 18.01 4.19
C VAL D 174 30.46 18.02 3.21
N CYS D 175 30.13 18.07 1.92
CA CYS D 175 31.12 18.07 0.85
C CYS D 175 31.99 19.31 0.92
N ASP D 176 33.22 19.18 0.46
CA ASP D 176 34.11 20.33 0.42
C ASP D 176 33.54 21.38 -0.56
N PRO D 177 33.58 22.68 -0.20
CA PRO D 177 32.96 23.70 -1.07
C PRO D 177 33.57 23.69 -2.45
N LEU D 178 34.87 23.36 -2.56
CA LEU D 178 35.49 23.13 -3.86
C LEU D 178 34.71 22.11 -4.67
N CYS D 179 34.27 21.02 -4.05
CA CYS D 179 33.59 19.98 -4.81
C CYS D 179 32.39 20.49 -5.62
N SER D 180 32.11 19.78 -6.72
CA SER D 180 30.96 19.99 -7.57
C SER D 180 29.61 19.97 -6.86
N SER D 181 28.56 20.27 -7.63
CA SER D 181 27.19 19.92 -7.27
C SER D 181 27.04 18.42 -7.01
N GLY D 182 27.77 17.60 -7.78
CA GLY D 182 27.65 16.15 -7.82
C GLY D 182 27.89 15.44 -6.50
N GLY D 183 28.56 16.08 -5.54
CA GLY D 183 28.75 15.48 -4.23
C GLY D 183 30.16 15.01 -3.98
N CYS D 184 30.30 14.22 -2.90
CA CYS D 184 31.60 13.76 -2.41
C CYS D 184 31.45 12.36 -1.80
N TRP D 185 32.59 11.79 -1.38
CA TRP D 185 32.62 10.54 -0.62
C TRP D 185 33.08 10.74 0.82
N GLY D 186 33.39 11.97 1.20
CA GLY D 186 33.98 12.28 2.49
C GLY D 186 34.62 13.66 2.47
N PRO D 187 35.29 14.03 3.57
CA PRO D 187 35.84 15.38 3.70
C PRO D 187 36.88 15.71 2.64
N GLY D 188 36.88 16.98 2.24
CA GLY D 188 38.01 17.58 1.58
C GLY D 188 38.06 17.31 0.10
N PRO D 189 38.89 18.06 -0.60
CA PRO D 189 38.95 17.97 -2.07
C PRO D 189 39.46 16.64 -2.59
N GLY D 190 40.02 15.78 -1.74
CA GLY D 190 40.37 14.44 -2.19
C GLY D 190 39.17 13.62 -2.61
N GLN D 191 37.98 13.96 -2.13
CA GLN D 191 36.84 13.05 -2.14
C GLN D 191 35.65 13.57 -2.95
N CYS D 192 35.87 14.50 -3.88
CA CYS D 192 34.77 14.90 -4.75
C CYS D 192 34.40 13.79 -5.73
N LEU D 193 33.16 13.85 -6.21
CA LEU D 193 32.73 12.90 -7.23
C LEU D 193 33.56 13.06 -8.49
N SER D 194 33.64 14.28 -9.01
CA SER D 194 34.53 14.63 -10.10
C SER D 194 34.39 16.13 -10.42
N GLU E 1 11.13 -22.34 18.81
CA GLU E 1 11.03 -22.77 17.43
C GLU E 1 10.24 -21.75 16.60
N VAL E 2 10.65 -21.60 15.34
CA VAL E 2 10.01 -20.66 14.44
C VAL E 2 8.59 -21.11 14.17
N GLN E 3 7.67 -20.16 14.06
CA GLN E 3 6.28 -20.48 13.76
C GLN E 3 5.64 -19.32 13.00
N LEU E 4 4.92 -19.64 11.93
CA LEU E 4 4.12 -18.69 11.17
C LEU E 4 2.70 -19.24 11.07
N LEU E 5 1.75 -18.54 11.70
CA LEU E 5 0.38 -19.02 11.87
C LEU E 5 -0.58 -18.08 11.13
N GLU E 6 -1.06 -18.53 9.98
CA GLU E 6 -1.97 -17.77 9.14
C GLU E 6 -3.42 -17.99 9.58
N SER E 7 -4.22 -16.94 9.44
CA SER E 7 -5.62 -16.95 9.89
C SER E 7 -6.47 -16.12 8.95
N GLY E 8 -7.77 -16.39 8.99
CA GLY E 8 -8.74 -15.53 8.34
C GLY E 8 -9.13 -15.92 6.95
N GLY E 9 -8.72 -17.09 6.48
CA GLY E 9 -9.26 -17.60 5.23
C GLY E 9 -10.71 -18.02 5.38
N GLY E 10 -11.38 -18.16 4.24
CA GLY E 10 -12.76 -18.59 4.24
C GLY E 10 -13.39 -18.37 2.90
N LEU E 11 -14.71 -18.63 2.85
CA LEU E 11 -15.51 -18.51 1.65
C LEU E 11 -16.06 -17.08 1.53
N VAL E 12 -15.78 -16.42 0.40
CA VAL E 12 -16.27 -15.07 0.17
C VAL E 12 -16.66 -14.90 -1.30
N GLN E 13 -17.72 -14.10 -1.54
CA GLN E 13 -18.19 -13.86 -2.90
C GLN E 13 -17.22 -12.93 -3.66
N PRO E 14 -17.18 -13.04 -4.98
CA PRO E 14 -16.42 -12.09 -5.79
C PRO E 14 -16.77 -10.66 -5.43
N GLY E 15 -15.76 -9.76 -5.47
CA GLY E 15 -15.91 -8.39 -5.04
C GLY E 15 -15.83 -8.17 -3.54
N GLY E 16 -15.89 -9.25 -2.75
CA GLY E 16 -15.84 -9.15 -1.31
C GLY E 16 -14.42 -8.99 -0.81
N SER E 17 -14.29 -8.90 0.53
CA SER E 17 -13.05 -8.54 1.18
C SER E 17 -12.72 -9.60 2.23
N LEU E 18 -11.42 -9.73 2.51
CA LEU E 18 -10.91 -10.55 3.60
C LEU E 18 -9.63 -9.94 4.13
N ARG E 19 -9.34 -10.22 5.39
CA ARG E 19 -8.06 -9.91 6.00
C ARG E 19 -7.41 -11.19 6.47
N LEU E 20 -6.20 -11.44 5.99
CA LEU E 20 -5.37 -12.55 6.44
C LEU E 20 -4.39 -12.02 7.47
N SER E 21 -4.12 -12.85 8.49
CA SER E 21 -3.15 -12.57 9.54
C SER E 21 -2.07 -13.64 9.54
N CYS E 22 -0.87 -13.29 9.94
CA CYS E 22 0.19 -14.27 10.17
C CYS E 22 0.81 -13.96 11.53
N ALA E 23 0.61 -14.85 12.50
CA ALA E 23 1.24 -14.69 13.80
C ALA E 23 2.65 -15.27 13.74
N ALA E 24 3.64 -14.42 14.01
CA ALA E 24 5.05 -14.81 13.97
C ALA E 24 5.59 -15.03 15.38
N SER E 25 6.39 -16.07 15.53
CA SER E 25 7.08 -16.30 16.79
C SER E 25 8.29 -17.18 16.55
N GLY E 26 9.24 -17.10 17.47
CA GLY E 26 10.48 -17.86 17.39
C GLY E 26 11.59 -17.19 16.63
N PHE E 27 11.45 -15.91 16.32
CA PHE E 27 12.49 -15.15 15.65
C PHE E 27 12.16 -13.68 15.79
N THR E 28 13.16 -12.86 15.52
CA THR E 28 13.02 -11.41 15.58
C THR E 28 12.30 -10.96 14.32
N PHE E 29 10.97 -10.91 14.42
CA PHE E 29 10.10 -10.49 13.34
C PHE E 29 10.58 -9.19 12.70
N SER E 30 10.94 -8.22 13.53
CA SER E 30 11.40 -6.91 13.09
C SER E 30 12.67 -6.97 12.26
N ASP E 31 13.39 -8.09 12.29
CA ASP E 31 14.59 -8.27 11.51
C ASP E 31 14.33 -8.88 10.13
N TYR E 32 13.07 -9.20 9.79
CA TYR E 32 12.76 -10.08 8.68
C TYR E 32 11.85 -9.44 7.64
N ASP E 33 12.19 -9.65 6.37
CA ASP E 33 11.28 -9.36 5.27
C ASP E 33 10.20 -10.43 5.21
N MET E 34 8.94 -10.00 5.22
CA MET E 34 7.79 -10.88 5.26
C MET E 34 7.05 -10.84 3.92
N SER E 35 6.44 -11.97 3.58
CA SER E 35 5.90 -12.17 2.25
C SER E 35 4.61 -13.00 2.32
N TRP E 36 3.84 -12.93 1.24
CA TRP E 36 2.66 -13.77 1.01
C TRP E 36 2.87 -14.46 -0.32
N VAL E 37 2.80 -15.79 -0.32
CA VAL E 37 2.93 -16.61 -1.52
C VAL E 37 1.73 -17.54 -1.52
N ARG E 38 1.11 -17.69 -2.67
CA ARG E 38 -0.16 -18.37 -2.72
C ARG E 38 -0.12 -19.48 -3.77
N GLN E 39 -0.99 -20.46 -3.58
CA GLN E 39 -0.94 -21.66 -4.40
C GLN E 39 -2.37 -22.11 -4.61
N ALA E 40 -2.85 -21.98 -5.86
CA ALA E 40 -4.16 -22.49 -6.24
C ALA E 40 -4.15 -24.01 -6.23
N PRO E 41 -5.31 -24.65 -6.01
CA PRO E 41 -5.33 -26.10 -5.78
C PRO E 41 -4.81 -26.89 -6.98
N GLY E 42 -3.86 -27.80 -6.71
CA GLY E 42 -3.19 -28.56 -7.77
C GLY E 42 -2.26 -27.78 -8.70
N LYS E 43 -2.01 -26.50 -8.43
CA LYS E 43 -1.19 -25.68 -9.32
C LYS E 43 0.05 -25.20 -8.58
N GLY E 44 0.87 -24.41 -9.27
CA GLY E 44 2.18 -24.03 -8.76
C GLY E 44 2.12 -22.84 -7.81
N LEU E 45 3.30 -22.50 -7.28
CA LEU E 45 3.46 -21.35 -6.40
C LEU E 45 3.38 -20.03 -7.16
N GLU E 46 2.84 -19.01 -6.48
CA GLU E 46 2.76 -17.66 -7.07
C GLU E 46 2.94 -16.62 -5.97
N TRP E 47 4.05 -15.90 -6.02
CA TRP E 47 4.30 -14.85 -5.05
C TRP E 47 3.24 -13.76 -5.17
N VAL E 48 2.79 -13.26 -4.02
CA VAL E 48 1.80 -12.19 -3.96
C VAL E 48 2.41 -10.84 -3.59
N SER E 49 3.10 -10.78 -2.46
CA SER E 49 3.55 -9.50 -1.94
C SER E 49 4.67 -9.70 -0.91
N THR E 50 5.51 -8.68 -0.78
CA THR E 50 6.60 -8.68 0.19
C THR E 50 6.73 -7.29 0.79
N ILE E 51 6.97 -7.26 2.10
CA ILE E 51 7.16 -6.01 2.82
C ILE E 51 8.39 -6.19 3.69
N ASP E 52 9.27 -5.19 3.69
CA ASP E 52 10.53 -5.35 4.40
C ASP E 52 10.36 -5.05 5.89
N LEU E 53 11.46 -5.22 6.61
CA LEU E 53 11.44 -5.22 8.08
C LEU E 53 10.81 -3.98 8.68
N ASP E 54 10.99 -2.81 8.03
CA ASP E 54 10.48 -1.55 8.58
C ASP E 54 9.40 -0.93 7.69
N SER E 55 8.76 -1.71 6.83
CA SER E 55 7.74 -1.22 5.89
C SER E 55 8.26 -0.04 5.06
N GLY E 56 9.56 -0.02 4.75
CA GLY E 56 10.08 1.01 3.88
C GLY E 56 10.06 0.69 2.40
N SER E 57 9.79 -0.56 2.08
CA SER E 57 9.76 -1.10 0.72
C SER E 57 8.63 -2.11 0.64
N ILE E 58 7.76 -1.97 -0.36
CA ILE E 58 6.62 -2.87 -0.50
C ILE E 58 6.49 -3.25 -1.96
N TYR E 59 6.35 -4.56 -2.22
CA TYR E 59 6.28 -5.05 -3.59
C TYR E 59 5.05 -5.94 -3.76
N TYR E 60 4.50 -5.94 -4.99
CA TYR E 60 3.25 -6.61 -5.32
C TYR E 60 3.32 -7.29 -6.67
N ALA E 61 2.72 -8.47 -6.77
CA ALA E 61 2.46 -9.02 -8.10
C ALA E 61 1.47 -8.11 -8.85
N ASP E 62 1.66 -7.99 -10.17
CA ASP E 62 0.70 -7.25 -10.99
C ASP E 62 -0.73 -7.69 -10.72
N SER E 63 -0.92 -9.00 -10.49
CA SER E 63 -2.27 -9.57 -10.45
C SER E 63 -3.08 -9.04 -9.30
N VAL E 64 -2.42 -8.61 -8.22
CA VAL E 64 -3.06 -8.13 -7.01
C VAL E 64 -2.93 -6.64 -6.84
N GLN E 65 -2.16 -5.98 -7.73
CA GLN E 65 -1.93 -4.55 -7.61
C GLN E 65 -3.26 -3.78 -7.58
N GLY E 66 -3.43 -2.94 -6.57
CA GLY E 66 -4.68 -2.24 -6.37
C GLY E 66 -5.74 -2.99 -5.59
N ARG E 67 -5.64 -4.30 -5.45
CA ARG E 67 -6.67 -4.99 -4.67
C ARG E 67 -6.18 -5.44 -3.30
N PHE E 68 -4.96 -5.94 -3.19
CA PHE E 68 -4.43 -6.43 -1.93
C PHE E 68 -3.46 -5.40 -1.35
N THR E 69 -3.44 -5.32 -0.02
CA THR E 69 -2.58 -4.40 0.70
C THR E 69 -1.83 -5.16 1.79
N ILE E 70 -0.52 -5.28 1.65
CA ILE E 70 0.29 -5.90 2.68
C ILE E 70 0.65 -4.84 3.70
N SER E 71 0.66 -5.22 4.97
CA SER E 71 0.99 -4.31 6.04
C SER E 71 1.59 -5.14 7.16
N ARG E 72 2.10 -4.46 8.19
CA ARG E 72 2.92 -5.17 9.16
C ARG E 72 2.86 -4.46 10.50
N ASP E 73 2.78 -5.22 11.57
CA ASP E 73 2.76 -4.68 12.92
C ASP E 73 3.86 -5.34 13.75
N ASN E 74 5.02 -4.68 13.85
CA ASN E 74 6.19 -5.29 14.48
C ASN E 74 6.01 -5.53 15.98
N SER E 75 5.28 -4.64 16.66
CA SER E 75 5.03 -4.78 18.09
C SER E 75 4.16 -5.98 18.41
N LYS E 76 3.18 -6.29 17.55
CA LYS E 76 2.35 -7.49 17.69
C LYS E 76 2.83 -8.64 16.82
N ASN E 77 4.06 -8.56 16.30
CA ASN E 77 4.70 -9.64 15.54
C ASN E 77 3.76 -10.25 14.49
N THR E 78 2.91 -9.43 13.87
CA THR E 78 1.91 -9.92 12.94
C THR E 78 2.03 -9.33 11.55
N LEU E 79 1.89 -10.18 10.54
CA LEU E 79 1.85 -9.77 9.15
C LEU E 79 0.40 -9.87 8.64
N TYR E 80 -0.03 -8.87 7.87
CA TYR E 80 -1.38 -8.79 7.34
C TYR E 80 -1.39 -8.69 5.81
N LEU E 81 -2.48 -9.16 5.23
CA LEU E 81 -2.79 -9.01 3.81
C LEU E 81 -4.26 -8.67 3.75
N GLN E 82 -4.57 -7.42 3.38
CA GLN E 82 -5.95 -6.96 3.24
C GLN E 82 -6.37 -7.17 1.79
N MET E 83 -7.32 -8.06 1.55
CA MET E 83 -7.65 -8.50 0.20
C MET E 83 -9.05 -8.00 -0.15
N ASN E 84 -9.11 -6.96 -0.99
CA ASN E 84 -10.34 -6.34 -1.49
C ASN E 84 -10.58 -6.68 -2.96
N SER E 85 -11.83 -6.58 -3.37
CA SER E 85 -12.22 -6.87 -4.74
C SER E 85 -11.78 -8.28 -5.15
N LEU E 86 -12.02 -9.25 -4.27
CA LEU E 86 -11.61 -10.62 -4.54
C LEU E 86 -12.20 -11.09 -5.87
N ARG E 87 -11.41 -11.85 -6.61
CA ARG E 87 -11.85 -12.56 -7.82
C ARG E 87 -11.70 -14.05 -7.62
N ALA E 88 -12.48 -14.83 -8.40
CA ALA E 88 -12.41 -16.30 -8.31
C ALA E 88 -10.97 -16.80 -8.44
N GLU E 89 -10.19 -16.18 -9.33
CA GLU E 89 -8.80 -16.52 -9.59
C GLU E 89 -7.87 -16.25 -8.42
N ASP E 90 -8.34 -15.67 -7.31
CA ASP E 90 -7.53 -15.56 -6.09
C ASP E 90 -7.72 -16.75 -5.14
N THR E 91 -8.63 -17.66 -5.47
CA THR E 91 -8.76 -18.89 -4.72
C THR E 91 -7.43 -19.61 -4.68
N ALA E 92 -6.97 -19.96 -3.48
CA ALA E 92 -5.63 -20.48 -3.24
C ALA E 92 -5.44 -20.67 -1.74
N VAL E 93 -4.45 -21.49 -1.39
CA VAL E 93 -3.86 -21.44 -0.05
C VAL E 93 -2.87 -20.30 -0.04
N TYR E 94 -2.99 -19.43 0.96
CA TYR E 94 -2.09 -18.28 1.09
C TYR E 94 -1.07 -18.58 2.17
N TYR E 95 0.21 -18.57 1.78
CA TYR E 95 1.34 -18.89 2.65
C TYR E 95 2.03 -17.63 3.14
N CYS E 96 2.28 -17.58 4.44
CA CYS E 96 3.15 -16.55 5.02
C CYS E 96 4.59 -17.07 4.99
N ALA E 97 5.54 -16.18 4.70
CA ALA E 97 6.93 -16.61 4.65
C ALA E 97 7.86 -15.45 4.98
N LYS E 98 9.11 -15.82 5.29
CA LYS E 98 10.06 -14.91 5.91
C LYS E 98 11.44 -15.14 5.32
N ASP E 99 12.26 -14.09 5.37
CA ASP E 99 13.69 -14.21 5.12
C ASP E 99 14.38 -13.04 5.81
N LEU E 100 15.52 -13.31 6.42
CA LEU E 100 16.23 -12.29 7.17
C LEU E 100 16.61 -11.16 6.24
N HIS E 101 16.36 -9.93 6.69
CA HIS E 101 16.50 -8.75 5.83
C HIS E 101 17.95 -8.59 5.37
N MET E 102 18.16 -8.70 4.06
CA MET E 102 19.48 -8.68 3.44
C MET E 102 20.36 -9.85 3.87
N GLY E 103 19.79 -10.85 4.54
CA GLY E 103 20.53 -12.06 4.83
C GLY E 103 20.69 -12.86 3.57
N PRO E 104 21.79 -13.62 3.45
CA PRO E 104 22.01 -14.37 2.21
C PRO E 104 20.97 -15.47 2.02
N GLU E 105 20.53 -16.10 3.11
CA GLU E 105 19.62 -17.26 3.03
C GLU E 105 18.19 -16.78 2.77
N GLY E 106 17.78 -16.86 1.52
CA GLY E 106 16.48 -16.38 1.11
C GLY E 106 16.37 -16.42 -0.39
N PRO E 107 15.22 -16.00 -0.93
CA PRO E 107 14.05 -15.51 -0.18
C PRO E 107 13.26 -16.66 0.45
N PHE E 108 12.33 -16.35 1.36
CA PHE E 108 11.36 -17.32 1.89
C PHE E 108 12.07 -18.52 2.54
N ASP E 109 12.86 -18.23 3.58
CA ASP E 109 13.56 -19.32 4.22
C ASP E 109 12.63 -20.21 5.03
N TYR E 110 11.39 -19.78 5.25
CA TYR E 110 10.49 -20.57 6.06
C TYR E 110 9.08 -20.18 5.71
N TRP E 111 8.21 -21.19 5.57
CA TRP E 111 6.83 -21.03 5.16
C TRP E 111 5.94 -21.65 6.23
N GLY E 112 4.78 -21.03 6.50
CA GLY E 112 3.74 -21.64 7.31
C GLY E 112 2.85 -22.58 6.50
N GLN E 113 1.92 -23.23 7.21
CA GLN E 113 1.05 -24.23 6.59
C GLN E 113 -0.03 -23.64 5.68
N GLY E 114 -0.32 -22.34 5.79
CA GLY E 114 -1.20 -21.66 4.87
C GLY E 114 -2.59 -21.45 5.44
N THR E 115 -3.35 -20.60 4.76
CA THR E 115 -4.75 -20.41 5.08
C THR E 115 -5.50 -20.41 3.74
N LEU E 116 -6.67 -21.02 3.70
CA LEU E 116 -7.34 -21.31 2.42
C LEU E 116 -8.42 -20.27 2.14
N VAL E 117 -8.23 -19.52 1.06
CA VAL E 117 -9.18 -18.51 0.64
C VAL E 117 -9.96 -19.07 -0.55
N THR E 118 -11.30 -19.06 -0.46
CA THR E 118 -12.18 -19.54 -1.52
C THR E 118 -13.09 -18.41 -1.97
N VAL E 119 -12.96 -17.98 -3.24
CA VAL E 119 -13.77 -16.90 -3.82
C VAL E 119 -14.76 -17.52 -4.78
N SER E 120 -16.05 -17.33 -4.53
CA SER E 120 -17.08 -18.02 -5.30
C SER E 120 -18.46 -17.50 -4.93
N SER E 121 -19.37 -17.60 -5.88
CA SER E 121 -20.73 -17.16 -5.60
C SER E 121 -21.57 -18.20 -4.85
N ALA E 122 -21.10 -19.44 -4.77
CA ALA E 122 -21.86 -20.52 -4.15
C ALA E 122 -22.00 -20.31 -2.65
N SER E 123 -23.00 -20.98 -2.08
CA SER E 123 -23.18 -20.94 -0.64
C SER E 123 -22.54 -22.17 0.03
N THR E 124 -22.40 -22.07 1.37
CA THR E 124 -21.90 -23.18 2.16
C THR E 124 -22.89 -24.34 2.16
N LYS E 125 -22.41 -25.55 1.89
CA LYS E 125 -23.26 -26.75 1.90
C LYS E 125 -22.50 -27.87 2.63
N GLY E 126 -22.98 -28.24 3.80
CA GLY E 126 -22.41 -29.35 4.53
C GLY E 126 -22.59 -30.66 3.79
N PRO E 127 -21.82 -31.68 4.15
CA PRO E 127 -21.81 -32.92 3.36
C PRO E 127 -22.79 -33.95 3.91
N SER E 128 -23.34 -34.73 2.99
CA SER E 128 -24.04 -35.95 3.34
C SER E 128 -23.06 -37.10 3.26
N VAL E 129 -23.15 -38.02 4.22
CA VAL E 129 -22.16 -39.09 4.43
C VAL E 129 -22.87 -40.43 4.32
N PHE E 130 -22.43 -41.26 3.37
CA PHE E 130 -23.04 -42.58 3.21
C PHE E 130 -22.00 -43.68 3.42
N PRO E 131 -22.43 -44.87 3.81
CA PRO E 131 -21.48 -45.96 4.06
C PRO E 131 -21.04 -46.64 2.77
N LEU E 132 -19.81 -47.10 2.76
CA LEU E 132 -19.33 -48.03 1.72
C LEU E 132 -19.14 -49.38 2.41
N ALA E 133 -20.22 -50.17 2.46
CA ALA E 133 -20.23 -51.38 3.25
C ALA E 133 -19.39 -52.47 2.59
N PRO E 134 -18.70 -53.30 3.37
CA PRO E 134 -17.82 -54.32 2.79
C PRO E 134 -18.60 -55.47 2.16
N SER E 135 -17.95 -56.14 1.20
CA SER E 135 -18.52 -57.22 0.40
C SER E 135 -18.54 -58.54 1.18
N SER E 136 -18.69 -59.65 0.45
CA SER E 136 -18.40 -61.02 0.91
C SER E 136 -18.83 -62.02 -0.15
N GLY E 142 -8.93 -63.12 3.10
CA GLY E 142 -7.69 -62.52 3.57
C GLY E 142 -7.88 -61.12 4.10
N THR E 143 -8.64 -60.29 3.38
CA THR E 143 -8.85 -58.90 3.76
C THR E 143 -10.10 -58.36 3.08
N ALA E 144 -10.49 -57.14 3.45
CA ALA E 144 -11.72 -56.54 2.95
C ALA E 144 -11.64 -55.02 2.96
N ALA E 145 -12.43 -54.39 2.08
CA ALA E 145 -12.45 -52.94 1.92
C ALA E 145 -13.79 -52.35 2.37
N LEU E 146 -13.76 -51.33 3.23
CA LEU E 146 -14.97 -50.59 3.56
C LEU E 146 -14.65 -49.10 3.59
N GLY E 147 -15.69 -48.25 3.60
CA GLY E 147 -15.40 -46.83 3.60
C GLY E 147 -16.61 -45.94 3.77
N CYS E 148 -16.35 -44.63 3.62
CA CYS E 148 -17.35 -43.58 3.71
C CYS E 148 -17.24 -42.65 2.49
N LEU E 149 -18.41 -42.32 1.94
CA LEU E 149 -18.52 -41.39 0.84
C LEU E 149 -19.01 -40.05 1.40
N VAL E 150 -18.18 -39.04 1.30
CA VAL E 150 -18.46 -37.72 1.89
C VAL E 150 -18.88 -36.82 0.72
N LYS E 151 -20.19 -36.63 0.58
CA LYS E 151 -20.82 -36.21 -0.66
C LYS E 151 -21.33 -34.77 -0.60
N ASP E 152 -21.09 -34.01 -1.68
CA ASP E 152 -21.75 -32.74 -1.98
C ASP E 152 -21.60 -31.74 -0.83
N TYR E 153 -20.38 -31.20 -0.69
CA TYR E 153 -20.10 -30.15 0.28
C TYR E 153 -19.36 -29.00 -0.39
N PHE E 154 -19.34 -27.87 0.31
CA PHE E 154 -18.63 -26.69 -0.19
C PHE E 154 -18.57 -25.68 0.93
N PRO E 155 -17.44 -24.98 1.10
CA PRO E 155 -16.21 -25.20 0.35
C PRO E 155 -15.41 -26.34 0.92
N GLU E 156 -14.21 -26.56 0.39
CA GLU E 156 -13.21 -27.36 1.08
C GLU E 156 -12.79 -26.66 2.37
N PRO E 157 -12.22 -27.39 3.35
CA PRO E 157 -11.88 -28.83 3.39
C PRO E 157 -12.83 -29.67 4.25
N VAL E 158 -12.62 -30.97 4.20
CA VAL E 158 -13.33 -31.92 5.04
C VAL E 158 -12.31 -32.85 5.61
N THR E 159 -12.36 -33.10 6.91
CA THR E 159 -11.47 -34.09 7.50
C THR E 159 -12.25 -35.32 7.93
N VAL E 160 -11.63 -36.48 7.76
CA VAL E 160 -12.26 -37.75 8.07
C VAL E 160 -11.40 -38.46 9.11
N SER E 161 -12.06 -38.98 10.14
CA SER E 161 -11.51 -39.86 11.16
C SER E 161 -12.28 -41.17 11.13
N TRP E 162 -11.63 -42.24 11.58
CA TRP E 162 -12.31 -43.50 11.83
C TRP E 162 -12.21 -43.83 13.31
N ASN E 163 -13.34 -44.18 13.91
CA ASN E 163 -13.41 -44.51 15.34
C ASN E 163 -12.69 -43.45 16.17
N SER E 164 -13.05 -42.19 15.91
CA SER E 164 -12.61 -41.03 16.69
C SER E 164 -11.08 -40.98 16.79
N GLY E 165 -10.42 -41.35 15.70
CA GLY E 165 -8.97 -41.24 15.58
C GLY E 165 -8.23 -42.51 15.90
N ALA E 166 -8.89 -43.47 16.55
CA ALA E 166 -8.27 -44.74 16.96
C ALA E 166 -7.83 -45.61 15.79
N LEU E 167 -8.25 -45.31 14.56
CA LEU E 167 -7.94 -46.12 13.39
C LEU E 167 -7.28 -45.25 12.31
N THR E 168 -5.99 -45.46 12.07
CA THR E 168 -5.28 -44.86 10.93
C THR E 168 -4.49 -45.86 10.10
N SER E 169 -4.16 -47.04 10.63
CA SER E 169 -3.40 -48.01 9.84
C SER E 169 -4.32 -48.68 8.82
N GLY E 170 -3.93 -48.63 7.55
CA GLY E 170 -4.78 -49.12 6.49
C GLY E 170 -5.83 -48.15 6.00
N VAL E 171 -5.85 -46.93 6.52
CA VAL E 171 -6.83 -45.93 6.12
C VAL E 171 -6.26 -45.10 4.98
N HIS E 172 -7.09 -44.80 3.97
CA HIS E 172 -6.69 -43.88 2.91
C HIS E 172 -7.86 -42.96 2.57
N THR E 173 -7.71 -41.66 2.88
CA THR E 173 -8.68 -40.65 2.49
C THR E 173 -8.20 -39.98 1.20
N PHE E 174 -9.11 -39.87 0.23
CA PHE E 174 -8.77 -39.45 -1.12
C PHE E 174 -8.85 -37.94 -1.30
N PRO E 175 -8.21 -37.44 -2.35
CA PRO E 175 -8.48 -36.05 -2.77
C PRO E 175 -9.95 -35.92 -3.13
N ALA E 176 -10.47 -34.71 -2.98
CA ALA E 176 -11.85 -34.43 -3.35
C ALA E 176 -11.95 -34.23 -4.86
N VAL E 177 -13.13 -34.51 -5.42
CA VAL E 177 -13.41 -34.26 -6.83
C VAL E 177 -14.30 -33.03 -6.90
N LEU E 178 -14.11 -32.20 -7.92
CA LEU E 178 -15.01 -31.07 -8.11
C LEU E 178 -16.07 -31.50 -9.10
N GLN E 179 -17.31 -31.59 -8.62
CA GLN E 179 -18.41 -32.07 -9.42
C GLN E 179 -18.99 -30.96 -10.30
N SER E 180 -19.83 -31.37 -11.26
CA SER E 180 -20.48 -30.42 -12.16
C SER E 180 -21.44 -29.51 -11.42
N SER E 181 -21.91 -29.93 -10.25
CA SER E 181 -22.74 -29.09 -9.41
C SER E 181 -21.97 -27.98 -8.70
N GLY E 182 -20.63 -28.02 -8.72
CA GLY E 182 -19.86 -27.04 -7.98
C GLY E 182 -19.60 -27.39 -6.54
N LEU E 183 -20.02 -28.57 -6.11
CA LEU E 183 -19.73 -29.10 -4.79
C LEU E 183 -18.66 -30.17 -4.89
N TYR E 184 -17.97 -30.39 -3.77
CA TYR E 184 -16.94 -31.40 -3.66
C TYR E 184 -17.50 -32.70 -3.09
N SER E 185 -16.78 -33.79 -3.36
CA SER E 185 -17.02 -35.09 -2.75
C SER E 185 -15.68 -35.80 -2.62
N LEU E 186 -15.55 -36.65 -1.59
CA LEU E 186 -14.38 -37.53 -1.48
C LEU E 186 -14.79 -38.86 -0.88
N SER E 187 -13.79 -39.70 -0.67
CA SER E 187 -13.97 -41.01 -0.08
C SER E 187 -12.82 -41.28 0.85
N SER E 188 -13.12 -41.92 1.96
CA SER E 188 -12.12 -42.54 2.79
C SER E 188 -12.38 -44.04 2.74
N VAL E 189 -11.33 -44.81 2.58
CA VAL E 189 -11.40 -46.26 2.57
C VAL E 189 -10.48 -46.79 3.65
N VAL E 190 -10.88 -47.89 4.28
CA VAL E 190 -10.01 -48.59 5.21
C VAL E 190 -10.06 -50.07 4.88
N THR E 191 -8.88 -50.64 4.66
CA THR E 191 -8.70 -52.07 4.35
C THR E 191 -8.46 -52.79 5.66
N VAL E 192 -9.34 -53.73 5.96
CA VAL E 192 -9.29 -54.42 7.27
C VAL E 192 -9.16 -55.91 7.03
N PRO E 193 -8.68 -56.68 8.02
CA PRO E 193 -8.54 -58.12 7.88
C PRO E 193 -9.90 -58.80 7.76
N SER E 194 -10.07 -59.86 6.99
CA SER E 194 -11.45 -60.41 6.90
C SER E 194 -11.96 -60.92 8.25
N SER E 195 -11.08 -61.40 9.14
CA SER E 195 -11.50 -61.87 10.47
C SER E 195 -11.96 -60.71 11.35
N SER E 196 -11.39 -59.52 11.16
CA SER E 196 -11.91 -58.30 11.79
C SER E 196 -13.43 -58.16 11.62
N LEU E 197 -13.96 -58.45 10.43
CA LEU E 197 -15.37 -58.22 10.15
C LEU E 197 -16.22 -58.94 11.17
N GLY E 198 -17.08 -58.19 11.88
CA GLY E 198 -17.86 -58.75 12.97
C GLY E 198 -17.13 -58.83 14.31
N THR E 199 -15.80 -58.69 14.32
CA THR E 199 -14.98 -58.53 15.52
C THR E 199 -14.89 -57.07 15.95
N GLN E 200 -15.19 -56.15 15.04
CA GLN E 200 -14.91 -54.74 15.26
C GLN E 200 -16.01 -53.91 14.61
N THR E 201 -16.22 -52.73 15.18
CA THR E 201 -17.19 -51.75 14.72
C THR E 201 -16.45 -50.62 13.99
N TYR E 202 -16.97 -50.18 12.85
CA TYR E 202 -16.28 -49.18 12.04
C TYR E 202 -17.15 -47.94 11.88
N ILE E 203 -16.68 -46.79 12.38
CA ILE E 203 -17.43 -45.55 12.25
C ILE E 203 -16.53 -44.46 11.71
N CYS E 204 -16.95 -43.82 10.64
CA CYS E 204 -16.18 -42.67 10.18
C CYS E 204 -16.77 -41.40 10.77
N ASN E 205 -15.89 -40.46 11.11
CA ASN E 205 -16.21 -39.21 11.77
C ASN E 205 -15.83 -38.14 10.77
N VAL E 206 -16.84 -37.44 10.25
CA VAL E 206 -16.65 -36.48 9.18
C VAL E 206 -16.91 -35.09 9.76
N ASN E 207 -15.94 -34.21 9.58
CA ASN E 207 -15.96 -32.89 10.19
C ASN E 207 -15.75 -31.88 9.09
N HIS E 208 -16.76 -31.03 8.85
CA HIS E 208 -16.74 -29.95 7.86
C HIS E 208 -16.90 -28.65 8.63
N LYS E 209 -15.77 -28.10 9.06
CA LYS E 209 -15.81 -26.89 9.88
C LYS E 209 -16.56 -25.75 9.20
N PRO E 210 -16.43 -25.49 7.89
CA PRO E 210 -17.08 -24.30 7.31
C PRO E 210 -18.57 -24.27 7.52
N SER E 211 -19.19 -25.43 7.69
CA SER E 211 -20.62 -25.56 7.94
C SER E 211 -20.94 -26.04 9.34
N ASN E 212 -19.92 -26.21 10.20
CA ASN E 212 -20.16 -26.74 11.53
C ASN E 212 -20.94 -28.04 11.43
N THR E 213 -20.50 -28.93 10.55
CA THR E 213 -21.12 -30.23 10.40
C THR E 213 -20.19 -31.30 10.94
N LYS E 214 -20.71 -32.12 11.86
CA LYS E 214 -20.00 -33.27 12.39
C LYS E 214 -20.90 -34.47 12.20
N VAL E 215 -20.43 -35.47 11.48
CA VAL E 215 -21.21 -36.66 11.17
C VAL E 215 -20.43 -37.86 11.62
N ASP E 216 -21.13 -38.79 12.26
CA ASP E 216 -20.59 -40.11 12.58
C ASP E 216 -21.46 -41.12 11.83
N LYS E 217 -20.89 -41.77 10.83
CA LYS E 217 -21.62 -42.77 10.05
C LYS E 217 -21.06 -44.17 10.31
N LYS E 218 -21.88 -45.03 10.92
CA LYS E 218 -21.54 -46.43 11.15
C LYS E 218 -21.47 -47.19 9.82
N VAL E 219 -20.42 -47.98 9.61
CA VAL E 219 -20.25 -48.74 8.36
C VAL E 219 -20.30 -50.22 8.69
N GLU E 220 -21.38 -50.88 8.28
CA GLU E 220 -21.60 -52.26 8.68
C GLU E 220 -21.78 -53.17 7.46
N PRO E 221 -21.46 -54.45 7.62
CA PRO E 221 -21.43 -55.35 6.47
C PRO E 221 -22.82 -55.64 5.89
N LYS E 222 -22.83 -56.28 4.73
CA LYS E 222 -24.07 -56.84 4.19
C LYS E 222 -24.03 -58.34 3.84
N SER F 2 6.82 -13.57 -16.01
CA SER F 2 5.71 -13.97 -15.14
C SER F 2 5.91 -15.35 -14.57
N VAL F 3 6.71 -16.17 -15.26
CA VAL F 3 6.86 -17.58 -14.92
C VAL F 3 8.22 -18.05 -15.41
N LEU F 4 8.88 -18.89 -14.62
CA LEU F 4 10.11 -19.53 -15.06
C LEU F 4 9.74 -20.90 -15.62
N THR F 5 10.55 -21.41 -16.54
CA THR F 5 10.20 -22.60 -17.32
C THR F 5 10.80 -23.87 -16.70
N GLN F 6 9.95 -24.76 -16.17
CA GLN F 6 10.39 -26.04 -15.64
C GLN F 6 9.71 -27.20 -16.38
N PRO F 7 10.42 -28.31 -16.58
CA PRO F 7 9.77 -29.55 -17.04
C PRO F 7 8.72 -30.02 -16.04
N PRO F 8 7.57 -30.51 -16.51
CA PRO F 8 6.51 -30.92 -15.56
C PRO F 8 6.91 -32.08 -14.67
N SER F 9 7.67 -33.03 -15.18
CA SER F 9 8.02 -34.20 -14.38
C SER F 9 9.50 -34.57 -14.59
N ALA F 10 9.99 -35.39 -13.65
CA ALA F 10 11.35 -35.89 -13.65
C ALA F 10 11.35 -37.19 -12.86
N SER F 11 12.23 -38.13 -13.25
CA SER F 11 12.32 -39.35 -12.45
C SER F 11 13.75 -39.89 -12.45
N GLY F 12 13.97 -40.79 -11.50
CA GLY F 12 15.16 -41.61 -11.37
C GLY F 12 14.86 -42.76 -10.44
N THR F 13 15.68 -43.77 -10.52
CA THR F 13 15.60 -44.89 -9.57
C THR F 13 16.51 -44.61 -8.39
N PRO F 14 16.31 -45.25 -7.24
CA PRO F 14 17.03 -44.85 -6.03
C PRO F 14 18.55 -44.93 -6.20
N GLY F 15 19.22 -43.93 -5.63
CA GLY F 15 20.67 -43.84 -5.67
C GLY F 15 21.22 -43.21 -6.92
N GLN F 16 20.35 -42.76 -7.80
CA GLN F 16 20.78 -42.12 -9.05
C GLN F 16 20.90 -40.60 -8.88
N ARG F 17 21.42 -39.92 -9.87
CA ARG F 17 21.49 -38.46 -9.91
C ARG F 17 20.41 -37.95 -10.85
N VAL F 18 19.55 -37.07 -10.35
CA VAL F 18 18.48 -36.45 -11.14
C VAL F 18 18.74 -34.93 -11.14
N THR F 19 18.72 -34.31 -12.32
CA THR F 19 18.78 -32.85 -12.37
C THR F 19 17.46 -32.29 -12.88
N ILE F 20 17.16 -31.05 -12.45
CA ILE F 20 15.92 -30.35 -12.81
C ILE F 20 16.30 -28.96 -13.30
N SER F 21 15.92 -28.62 -14.53
CA SER F 21 16.29 -27.35 -15.13
C SER F 21 15.22 -26.28 -14.90
N CYS F 22 15.69 -25.04 -14.76
CA CYS F 22 14.86 -23.87 -14.56
C CYS F 22 15.33 -22.82 -15.55
N SER F 23 14.45 -22.30 -16.41
CA SER F 23 14.89 -21.32 -17.37
C SER F 23 14.08 -20.04 -17.26
N GLY F 24 14.74 -18.91 -17.52
CA GLY F 24 14.18 -17.59 -17.28
C GLY F 24 14.72 -16.53 -18.26
N SER F 25 14.81 -15.29 -17.79
CA SER F 25 15.29 -14.19 -18.61
C SER F 25 16.32 -13.38 -17.83
N SER F 26 16.94 -12.41 -18.50
CA SER F 26 18.03 -11.67 -17.87
C SER F 26 17.55 -10.80 -16.73
N SER F 27 16.29 -10.37 -16.74
CA SER F 27 15.85 -9.51 -15.63
C SER F 27 15.64 -10.33 -14.35
N ASN F 28 15.22 -11.59 -14.47
CA ASN F 28 15.23 -12.47 -13.30
C ASN F 28 16.54 -13.25 -13.21
N ILE F 29 16.53 -14.58 -13.38
CA ILE F 29 17.63 -15.42 -12.89
C ILE F 29 18.91 -15.29 -13.68
N GLY F 30 18.90 -14.55 -14.80
CA GLY F 30 20.15 -14.20 -15.47
C GLY F 30 21.01 -13.25 -14.67
N SER F 31 20.39 -12.42 -13.82
CA SER F 31 21.06 -11.42 -13.00
C SER F 31 20.89 -11.70 -11.52
N ASN F 32 19.68 -12.02 -11.09
CA ASN F 32 19.40 -12.26 -9.69
C ASN F 32 19.64 -13.72 -9.33
N SER F 33 19.58 -13.99 -8.03
CA SER F 33 19.80 -15.34 -7.52
C SER F 33 18.61 -16.22 -7.86
N VAL F 34 18.92 -17.49 -8.16
CA VAL F 34 17.93 -18.55 -8.23
C VAL F 34 17.91 -19.27 -6.89
N SER F 35 16.74 -19.69 -6.47
CA SER F 35 16.57 -20.47 -5.28
C SER F 35 15.63 -21.62 -5.60
N TRP F 36 15.67 -22.69 -4.79
CA TRP F 36 14.90 -23.90 -5.04
C TRP F 36 14.15 -24.35 -3.80
N TYR F 37 12.93 -24.81 -4.00
CA TYR F 37 12.02 -25.16 -2.94
C TYR F 37 11.47 -26.58 -3.13
N GLN F 38 11.38 -27.32 -2.03
CA GLN F 38 10.81 -28.68 -2.03
C GLN F 38 9.43 -28.67 -1.39
N GLN F 39 8.44 -29.23 -2.08
CA GLN F 39 7.09 -29.32 -1.54
C GLN F 39 6.63 -30.77 -1.56
N LEU F 40 6.56 -31.38 -0.37
CA LEU F 40 5.97 -32.70 -0.24
C LEU F 40 4.45 -32.59 -0.34
N PRO F 41 3.77 -33.64 -0.80
CA PRO F 41 2.31 -33.57 -0.91
C PRO F 41 1.71 -33.16 0.43
N GLY F 42 0.86 -32.15 0.41
CA GLY F 42 0.21 -31.70 1.62
C GLY F 42 1.09 -31.03 2.66
N THR F 43 2.24 -30.50 2.27
CA THR F 43 3.06 -29.69 3.18
C THR F 43 3.47 -28.38 2.51
N ALA F 44 3.94 -27.45 3.34
CA ALA F 44 4.44 -26.17 2.93
C ALA F 44 5.85 -26.29 2.38
N PRO F 45 6.24 -25.42 1.43
CA PRO F 45 7.57 -25.52 0.80
C PRO F 45 8.72 -25.37 1.79
N LYS F 46 9.84 -25.97 1.41
CA LYS F 46 11.10 -25.96 2.16
C LYS F 46 12.19 -25.42 1.25
N LEU F 47 13.04 -24.54 1.78
CA LEU F 47 14.11 -23.95 0.98
C LEU F 47 15.29 -24.90 0.97
N LEU F 48 15.68 -25.33 -0.24
CA LEU F 48 16.78 -26.26 -0.46
C LEU F 48 18.07 -25.56 -0.87
N ILE F 49 17.96 -24.67 -1.86
CA ILE F 49 19.12 -24.03 -2.49
C ILE F 49 18.79 -22.56 -2.59
N TYR F 50 19.77 -21.71 -2.29
CA TYR F 50 19.60 -20.26 -2.45
C TYR F 50 20.87 -19.65 -3.01
N SER F 51 20.71 -18.51 -3.69
CA SER F 51 21.84 -17.77 -4.26
C SER F 51 22.68 -18.67 -5.18
N ASP F 52 21.97 -19.37 -6.06
CA ASP F 52 22.50 -20.25 -7.12
C ASP F 52 22.94 -21.62 -6.60
N ASN F 53 23.90 -21.67 -5.66
CA ASN F 53 24.55 -22.92 -5.28
C ASN F 53 24.74 -23.10 -3.78
N HIS F 54 24.02 -22.34 -2.95
CA HIS F 54 24.26 -22.43 -1.51
C HIS F 54 23.09 -23.11 -0.83
N ARG F 55 23.36 -23.65 0.36
CA ARG F 55 22.44 -24.52 1.09
C ARG F 55 22.18 -23.93 2.46
N PRO F 56 20.94 -23.95 2.93
CA PRO F 56 20.69 -23.71 4.35
C PRO F 56 21.31 -24.81 5.19
N SER F 57 21.71 -24.45 6.42
CA SER F 57 22.33 -25.42 7.30
C SER F 57 21.29 -26.47 7.69
N GLY F 58 21.68 -27.75 7.61
CA GLY F 58 20.76 -28.88 7.73
C GLY F 58 20.35 -29.53 6.42
N VAL F 59 20.31 -28.76 5.33
CA VAL F 59 19.96 -29.30 4.00
C VAL F 59 21.09 -30.23 3.55
N PRO F 60 20.82 -31.52 3.37
CA PRO F 60 21.90 -32.47 3.07
C PRO F 60 22.60 -32.11 1.77
N ASP F 61 23.90 -32.41 1.72
CA ASP F 61 24.73 -32.05 0.56
C ASP F 61 24.41 -32.88 -0.66
N ARG F 62 23.45 -33.80 -0.58
CA ARG F 62 22.87 -34.45 -1.77
C ARG F 62 22.24 -33.44 -2.73
N PHE F 63 21.86 -32.25 -2.25
CA PHE F 63 21.24 -31.23 -3.08
C PHE F 63 22.25 -30.15 -3.39
N SER F 64 22.47 -29.90 -4.68
CA SER F 64 23.34 -28.81 -5.07
C SER F 64 22.68 -28.04 -6.19
N GLY F 65 23.15 -26.83 -6.41
CA GLY F 65 22.57 -25.96 -7.42
C GLY F 65 23.65 -25.33 -8.28
N SER F 66 23.32 -25.15 -9.56
CA SER F 66 24.21 -24.46 -10.48
C SER F 66 23.37 -23.52 -11.34
N LYS F 67 24.05 -22.58 -12.00
CA LYS F 67 23.39 -21.62 -12.87
C LYS F 67 24.39 -21.11 -13.90
N SER F 68 23.94 -21.05 -15.14
CA SER F 68 24.73 -20.61 -16.28
C SER F 68 23.84 -19.72 -17.12
N GLY F 69 24.24 -18.46 -17.33
CA GLY F 69 23.40 -17.50 -18.02
C GLY F 69 22.02 -17.42 -17.37
N THR F 70 20.98 -17.81 -18.11
CA THR F 70 19.61 -17.78 -17.59
C THR F 70 19.06 -19.16 -17.29
N SER F 71 19.91 -20.17 -17.14
CA SER F 71 19.47 -21.51 -16.81
C SER F 71 20.01 -21.93 -15.46
N ALA F 72 19.14 -22.49 -14.64
CA ALA F 72 19.49 -23.04 -13.32
C ALA F 72 19.15 -24.53 -13.28
N SER F 73 20.05 -25.32 -12.71
CA SER F 73 19.84 -26.73 -12.49
C SER F 73 19.92 -27.04 -11.01
N LEU F 74 18.96 -27.80 -10.52
CA LEU F 74 19.03 -28.43 -9.22
C LEU F 74 19.39 -29.90 -9.47
N ALA F 75 20.38 -30.40 -8.74
CA ALA F 75 20.82 -31.79 -8.86
C ALA F 75 20.53 -32.52 -7.55
N ILE F 76 19.92 -33.71 -7.65
CA ILE F 76 19.70 -34.56 -6.48
C ILE F 76 20.48 -35.85 -6.68
N SER F 77 21.43 -36.10 -5.78
CA SER F 77 22.30 -37.26 -5.85
C SER F 77 21.91 -38.26 -4.78
N GLY F 78 22.23 -39.53 -5.01
CA GLY F 78 21.88 -40.58 -4.07
C GLY F 78 20.40 -40.63 -3.80
N LEU F 79 19.59 -40.46 -4.87
CA LEU F 79 18.14 -40.32 -4.78
C LEU F 79 17.52 -41.31 -3.80
N ARG F 80 16.57 -40.82 -3.00
CA ARG F 80 15.87 -41.63 -2.01
C ARG F 80 14.36 -41.53 -2.21
N SER F 81 13.64 -42.41 -1.50
CA SER F 81 12.19 -42.49 -1.56
C SER F 81 11.54 -41.16 -1.19
N GLU F 82 12.06 -40.50 -0.17
CA GLU F 82 11.45 -39.29 0.37
C GLU F 82 11.67 -38.06 -0.51
N ASP F 83 12.51 -38.17 -1.52
CA ASP F 83 12.72 -37.08 -2.47
C ASP F 83 11.59 -36.97 -3.49
N GLU F 84 10.63 -37.89 -3.47
CA GLU F 84 9.46 -37.77 -4.32
C GLU F 84 8.66 -36.55 -3.88
N ALA F 85 8.62 -35.52 -4.72
CA ALA F 85 8.09 -34.22 -4.31
C ALA F 85 7.98 -33.34 -5.54
N ASP F 86 7.40 -32.16 -5.32
CA ASP F 86 7.35 -31.09 -6.29
C ASP F 86 8.47 -30.10 -5.98
N TYR F 87 9.17 -29.65 -7.02
CA TYR F 87 10.32 -28.78 -6.86
C TYR F 87 10.10 -27.49 -7.65
N TYR F 88 10.23 -26.36 -6.98
CA TYR F 88 10.06 -25.09 -7.65
C TYR F 88 11.37 -24.33 -7.61
N CYS F 89 11.66 -23.60 -8.69
CA CYS F 89 12.73 -22.62 -8.68
C CYS F 89 12.12 -21.24 -8.67
N GLN F 90 12.97 -20.23 -8.48
CA GLN F 90 12.47 -18.91 -8.10
C GLN F 90 13.52 -17.85 -8.44
N GLY F 91 13.07 -16.70 -8.89
CA GLY F 91 13.99 -15.61 -9.04
C GLY F 91 13.34 -14.24 -8.88
N TRP F 92 14.02 -13.35 -8.18
CA TRP F 92 13.65 -11.96 -8.22
C TRP F 92 13.76 -11.45 -9.65
N ASP F 93 12.84 -10.59 -10.05
CA ASP F 93 12.88 -10.00 -11.40
C ASP F 93 13.04 -8.50 -11.29
N THR F 94 14.16 -7.99 -11.80
CA THR F 94 14.44 -6.56 -11.71
C THR F 94 13.38 -5.72 -12.41
N SER F 95 12.79 -6.23 -13.50
CA SER F 95 11.89 -5.43 -14.33
C SER F 95 10.44 -5.45 -13.85
N LEU F 96 10.02 -6.46 -13.08
CA LEU F 96 8.71 -6.43 -12.47
C LEU F 96 8.76 -6.04 -11.00
N SER F 97 9.96 -5.98 -10.43
CA SER F 97 10.16 -5.65 -9.01
C SER F 97 9.36 -6.60 -8.13
N GLY F 98 9.50 -7.89 -8.40
CA GLY F 98 8.77 -8.91 -7.68
C GLY F 98 9.29 -10.28 -8.03
N HIS F 99 8.93 -11.24 -7.18
CA HIS F 99 9.43 -12.60 -7.25
C HIS F 99 8.72 -13.39 -8.33
N VAL F 100 9.46 -14.20 -9.05
CA VAL F 100 8.91 -15.03 -10.11
C VAL F 100 9.24 -16.49 -9.82
N PHE F 101 8.23 -17.36 -9.97
CA PHE F 101 8.33 -18.79 -9.70
C PHE F 101 8.21 -19.61 -10.98
N GLY F 102 8.94 -20.71 -11.04
CA GLY F 102 8.76 -21.66 -12.12
C GLY F 102 7.46 -22.45 -12.00
N GLY F 103 7.14 -23.18 -13.06
CA GLY F 103 5.91 -23.94 -13.07
C GLY F 103 5.90 -25.15 -12.15
N GLY F 104 7.06 -25.66 -11.78
CA GLY F 104 7.09 -26.80 -10.89
C GLY F 104 7.39 -28.09 -11.64
N THR F 105 8.11 -28.98 -10.96
CA THR F 105 8.45 -30.30 -11.48
C THR F 105 8.04 -31.33 -10.44
N LYS F 106 7.22 -32.31 -10.83
CA LYS F 106 6.95 -33.47 -10.00
C LYS F 106 8.06 -34.49 -10.20
N LEU F 107 8.72 -34.87 -9.12
CA LEU F 107 9.77 -35.88 -9.15
C LEU F 107 9.21 -37.19 -8.59
N THR F 108 9.43 -38.28 -9.31
CA THR F 108 8.96 -39.61 -8.91
C THR F 108 10.17 -40.51 -8.74
N VAL F 109 10.18 -41.29 -7.66
CA VAL F 109 11.24 -42.26 -7.40
C VAL F 109 10.72 -43.62 -7.85
N LEU F 110 11.28 -44.14 -8.94
CA LEU F 110 10.85 -45.42 -9.50
C LEU F 110 11.68 -46.56 -8.93
N GLY F 111 11.56 -47.75 -9.51
CA GLY F 111 12.37 -48.90 -9.14
C GLY F 111 11.63 -49.97 -8.35
N GLN F 112 10.53 -49.62 -7.70
CA GLN F 112 9.68 -50.60 -7.06
C GLN F 112 9.10 -51.56 -8.11
N PRO F 113 8.82 -52.81 -7.73
CA PRO F 113 8.27 -53.75 -8.71
C PRO F 113 6.87 -53.35 -9.12
N LYS F 114 6.56 -53.57 -10.40
CA LYS F 114 5.27 -53.20 -10.96
C LYS F 114 4.17 -54.02 -10.30
N ALA F 115 3.16 -53.34 -9.75
CA ALA F 115 2.07 -53.97 -9.03
C ALA F 115 0.74 -53.59 -9.68
N ALA F 116 -0.07 -54.61 -10.07
CA ALA F 116 -1.35 -54.38 -10.71
C ALA F 116 -2.42 -54.00 -9.68
N PRO F 117 -3.40 -53.17 -10.05
CA PRO F 117 -4.28 -52.58 -9.05
C PRO F 117 -5.41 -53.49 -8.60
N SER F 118 -5.72 -53.43 -7.30
CA SER F 118 -6.91 -54.04 -6.72
C SER F 118 -8.08 -53.08 -6.81
N VAL F 119 -9.20 -53.57 -7.36
CA VAL F 119 -10.33 -52.72 -7.72
C VAL F 119 -11.56 -53.20 -6.97
N THR F 120 -12.14 -52.31 -6.18
CA THR F 120 -13.38 -52.53 -5.45
C THR F 120 -14.38 -51.48 -5.92
N LEU F 121 -15.53 -51.94 -6.41
CA LEU F 121 -16.60 -51.10 -6.92
C LEU F 121 -17.80 -51.18 -5.97
N PHE F 122 -18.21 -50.04 -5.39
CA PHE F 122 -19.31 -50.03 -4.44
C PHE F 122 -20.59 -49.54 -5.12
N PRO F 123 -21.69 -50.28 -5.00
CA PRO F 123 -22.98 -49.77 -5.48
C PRO F 123 -23.54 -48.75 -4.51
N PRO F 124 -24.53 -47.98 -4.93
CA PRO F 124 -25.13 -47.02 -4.01
C PRO F 124 -25.68 -47.73 -2.79
N SER F 125 -25.37 -47.16 -1.62
CA SER F 125 -25.96 -47.57 -0.35
C SER F 125 -27.46 -47.33 -0.37
N SER F 126 -28.17 -48.06 0.49
CA SER F 126 -29.61 -47.82 0.58
C SER F 126 -29.90 -46.51 1.30
N GLU F 127 -29.00 -46.09 2.20
CA GLU F 127 -29.12 -44.75 2.77
C GLU F 127 -29.22 -43.71 1.65
N GLU F 128 -28.32 -43.80 0.66
CA GLU F 128 -28.30 -42.80 -0.40
C GLU F 128 -29.49 -42.96 -1.33
N LEU F 129 -29.88 -44.20 -1.63
CA LEU F 129 -31.01 -44.43 -2.51
C LEU F 129 -32.32 -43.95 -1.88
N GLN F 130 -32.43 -44.03 -0.55
CA GLN F 130 -33.60 -43.49 0.13
C GLN F 130 -33.58 -41.97 0.13
N ALA F 131 -32.40 -41.38 0.10
CA ALA F 131 -32.26 -39.94 -0.09
C ALA F 131 -32.51 -39.54 -1.52
N ASN F 132 -32.96 -40.48 -2.33
CA ASN F 132 -33.29 -40.25 -3.74
C ASN F 132 -32.07 -39.78 -4.53
N LYS F 133 -30.87 -40.27 -4.16
CA LYS F 133 -29.70 -40.14 -5.03
C LYS F 133 -29.07 -41.53 -5.18
N ALA F 134 -27.98 -41.58 -5.93
CA ALA F 134 -27.25 -42.84 -6.17
C ALA F 134 -25.84 -42.53 -6.67
N THR F 135 -24.83 -43.04 -5.97
CA THR F 135 -23.46 -42.91 -6.44
C THR F 135 -22.79 -44.28 -6.48
N LEU F 136 -22.06 -44.52 -7.56
CA LEU F 136 -21.19 -45.69 -7.67
C LEU F 136 -19.77 -45.25 -7.36
N VAL F 137 -19.08 -46.05 -6.56
CA VAL F 137 -17.73 -45.76 -6.13
C VAL F 137 -16.83 -46.90 -6.57
N CYS F 138 -15.71 -46.55 -7.19
CA CYS F 138 -14.74 -47.52 -7.69
C CYS F 138 -13.37 -47.15 -7.12
N LEU F 139 -12.87 -47.94 -6.17
CA LEU F 139 -11.61 -47.63 -5.52
C LEU F 139 -10.51 -48.52 -6.07
N ILE F 140 -9.41 -47.88 -6.48
CA ILE F 140 -8.30 -48.50 -7.18
C ILE F 140 -7.09 -48.38 -6.27
N SER F 141 -6.55 -49.52 -5.84
CA SER F 141 -5.57 -49.55 -4.75
C SER F 141 -4.38 -50.44 -5.08
N ASP F 142 -3.23 -50.09 -4.50
CA ASP F 142 -1.99 -50.88 -4.51
C ASP F 142 -1.43 -51.10 -5.90
N PHE F 143 -1.46 -50.08 -6.75
CA PHE F 143 -0.81 -50.20 -8.04
C PHE F 143 0.49 -49.40 -8.02
N TYR F 144 1.50 -49.93 -8.73
CA TYR F 144 2.76 -49.26 -8.96
C TYR F 144 3.16 -49.59 -10.39
N PRO F 145 3.48 -48.59 -11.22
CA PRO F 145 3.52 -47.16 -10.88
C PRO F 145 2.16 -46.46 -10.99
N GLY F 146 2.17 -45.12 -11.01
CA GLY F 146 0.99 -44.32 -10.76
C GLY F 146 0.06 -43.98 -11.91
N ALA F 147 0.25 -44.44 -13.14
CA ALA F 147 -0.68 -44.07 -14.19
C ALA F 147 -1.76 -45.14 -14.35
N VAL F 148 -3.04 -44.73 -14.30
CA VAL F 148 -4.15 -45.59 -14.67
C VAL F 148 -5.18 -44.79 -15.46
N THR F 149 -6.01 -45.52 -16.20
CA THR F 149 -7.12 -44.95 -16.95
C THR F 149 -8.38 -45.75 -16.62
N VAL F 150 -9.42 -45.04 -16.19
CA VAL F 150 -10.66 -45.62 -15.69
C VAL F 150 -11.71 -45.49 -16.78
N ALA F 151 -12.59 -46.49 -16.88
CA ALA F 151 -13.66 -46.47 -17.86
C ALA F 151 -14.89 -47.07 -17.23
N TRP F 152 -16.01 -46.37 -17.35
CA TRP F 152 -17.30 -46.81 -16.81
C TRP F 152 -18.23 -47.16 -17.96
N LYS F 153 -19.04 -48.20 -17.75
CA LYS F 153 -20.03 -48.59 -18.73
C LYS F 153 -21.35 -48.90 -18.03
N ALA F 154 -22.46 -48.51 -18.67
CA ALA F 154 -23.79 -48.86 -18.22
C ALA F 154 -24.27 -50.00 -19.12
N ASP F 155 -24.38 -51.20 -18.55
CA ASP F 155 -24.55 -52.42 -19.35
C ASP F 155 -23.34 -52.56 -20.26
N SER F 156 -23.48 -52.26 -21.54
CA SER F 156 -22.34 -52.31 -22.44
C SER F 156 -22.07 -50.94 -23.07
N SER F 157 -22.62 -49.88 -22.50
CA SER F 157 -22.50 -48.55 -23.05
C SER F 157 -21.43 -47.78 -22.29
N PRO F 158 -20.34 -47.32 -22.90
CA PRO F 158 -19.36 -46.47 -22.21
C PRO F 158 -20.01 -45.15 -21.86
N VAL F 159 -19.85 -44.74 -20.61
CA VAL F 159 -20.44 -43.49 -20.13
C VAL F 159 -19.38 -42.58 -19.58
N LYS F 160 -19.39 -41.33 -20.02
CA LYS F 160 -18.51 -40.27 -19.48
C LYS F 160 -19.35 -39.25 -18.70
N ALA F 161 -20.67 -39.27 -18.86
CA ALA F 161 -21.55 -38.39 -18.11
C ALA F 161 -21.53 -38.73 -16.62
N GLY F 162 -21.33 -37.71 -15.79
CA GLY F 162 -21.39 -37.90 -14.35
C GLY F 162 -20.19 -38.57 -13.74
N VAL F 163 -19.11 -38.75 -14.50
CA VAL F 163 -17.87 -39.35 -14.00
C VAL F 163 -17.00 -38.27 -13.38
N GLU F 164 -16.43 -38.56 -12.21
CA GLU F 164 -15.30 -37.83 -11.69
C GLU F 164 -14.26 -38.85 -11.21
N THR F 165 -12.99 -38.56 -11.45
CA THR F 165 -11.88 -39.44 -11.11
C THR F 165 -10.73 -38.61 -10.56
N THR F 166 -10.21 -38.98 -9.39
CA THR F 166 -9.05 -38.28 -8.84
C THR F 166 -7.77 -38.71 -9.53
N THR F 167 -6.72 -37.94 -9.30
CA THR F 167 -5.47 -38.46 -9.82
C THR F 167 -4.72 -39.22 -8.73
N PRO F 168 -3.86 -40.15 -9.12
CA PRO F 168 -3.31 -41.10 -8.15
C PRO F 168 -2.42 -40.43 -7.12
N SER F 169 -2.46 -40.95 -5.90
CA SER F 169 -1.65 -40.42 -4.82
C SER F 169 -1.00 -41.60 -4.10
N LYS F 170 -0.02 -41.31 -3.25
CA LYS F 170 0.71 -42.39 -2.61
C LYS F 170 -0.08 -42.95 -1.44
N GLN F 171 0.13 -44.24 -1.18
CA GLN F 171 -0.48 -44.92 -0.05
C GLN F 171 0.48 -44.91 1.14
N SER F 172 0.01 -45.41 2.28
CA SER F 172 0.93 -45.59 3.39
C SER F 172 2.20 -46.31 2.94
N ASN F 173 2.03 -47.30 2.05
CA ASN F 173 3.04 -48.32 1.75
C ASN F 173 3.82 -48.03 0.47
N ASN F 174 3.75 -46.81 -0.06
CA ASN F 174 4.42 -46.35 -1.29
C ASN F 174 3.77 -46.86 -2.58
N LYS F 175 2.62 -47.52 -2.51
CA LYS F 175 1.94 -47.80 -3.76
C LYS F 175 1.00 -46.64 -4.05
N TYR F 176 0.26 -46.76 -5.15
CA TYR F 176 -0.69 -45.73 -5.54
C TYR F 176 -2.12 -46.19 -5.28
N ALA F 177 -2.99 -45.22 -5.04
CA ALA F 177 -4.42 -45.42 -5.01
C ALA F 177 -5.05 -44.30 -5.83
N ALA F 178 -6.30 -44.50 -6.23
CA ALA F 178 -7.02 -43.45 -6.91
C ALA F 178 -8.49 -43.77 -6.77
N SER F 179 -9.33 -42.75 -6.86
CA SER F 179 -10.77 -42.93 -6.74
C SER F 179 -11.45 -42.47 -8.01
N SER F 180 -12.50 -43.20 -8.40
CA SER F 180 -13.39 -42.80 -9.48
C SER F 180 -14.84 -42.95 -9.01
N TYR F 181 -15.70 -42.01 -9.42
CA TYR F 181 -17.11 -41.96 -9.04
C TYR F 181 -17.97 -41.77 -10.28
N LEU F 182 -19.13 -42.43 -10.27
CA LEU F 182 -20.18 -42.25 -11.27
C LEU F 182 -21.47 -41.90 -10.54
N SER F 183 -22.05 -40.76 -10.89
CA SER F 183 -23.22 -40.25 -10.19
C SER F 183 -24.48 -40.56 -10.99
N LEU F 184 -25.51 -41.05 -10.30
CA LEU F 184 -26.62 -41.70 -10.95
C LEU F 184 -27.95 -41.17 -10.44
N THR F 185 -28.94 -41.20 -11.30
CA THR F 185 -30.28 -41.15 -10.75
C THR F 185 -30.63 -42.53 -10.17
N PRO F 186 -31.40 -42.58 -9.06
CA PRO F 186 -31.89 -43.90 -8.58
C PRO F 186 -32.60 -44.68 -9.66
N GLU F 187 -33.56 -44.06 -10.34
CA GLU F 187 -34.27 -44.73 -11.42
C GLU F 187 -33.30 -45.16 -12.52
N GLN F 188 -32.26 -44.35 -12.73
CA GLN F 188 -31.20 -44.73 -13.67
C GLN F 188 -30.42 -45.94 -13.16
N TRP F 189 -30.13 -45.97 -11.86
CA TRP F 189 -29.36 -47.08 -11.29
C TRP F 189 -30.10 -48.39 -11.49
N LYS F 190 -31.39 -48.38 -11.26
CA LYS F 190 -32.14 -49.58 -11.49
C LYS F 190 -32.45 -49.82 -12.95
N SER F 191 -32.20 -48.83 -13.81
CA SER F 191 -32.50 -48.99 -15.22
C SER F 191 -31.68 -50.10 -15.86
N HIS F 192 -30.43 -50.27 -15.47
CA HIS F 192 -29.52 -51.09 -16.27
C HIS F 192 -29.31 -52.47 -15.66
N LYS F 193 -28.89 -53.41 -16.51
CA LYS F 193 -28.52 -54.74 -16.07
C LYS F 193 -27.27 -54.67 -15.19
N SER F 194 -26.16 -54.21 -15.75
CA SER F 194 -24.92 -54.06 -14.99
C SER F 194 -24.47 -52.61 -14.94
N TYR F 195 -23.48 -52.40 -14.08
CA TYR F 195 -22.58 -51.26 -14.16
C TYR F 195 -21.16 -51.78 -14.01
N SER F 196 -20.21 -51.17 -14.72
CA SER F 196 -18.84 -51.66 -14.69
C SER F 196 -17.85 -50.52 -14.52
N CYS F 197 -16.83 -50.77 -13.70
CA CYS F 197 -15.69 -49.88 -13.56
C CYS F 197 -14.46 -50.63 -14.06
N GLN F 198 -13.83 -50.10 -15.11
CA GLN F 198 -12.75 -50.76 -15.81
C GLN F 198 -11.51 -49.88 -15.72
N VAL F 199 -10.42 -50.44 -15.21
CA VAL F 199 -9.17 -49.69 -15.02
C VAL F 199 -8.09 -50.35 -15.85
N THR F 200 -7.47 -49.58 -16.74
CA THR F 200 -6.38 -50.09 -17.55
C THR F 200 -5.06 -49.54 -17.01
N HIS F 201 -4.20 -50.45 -16.56
CA HIS F 201 -2.92 -50.10 -15.93
C HIS F 201 -1.79 -50.86 -16.61
N GLU F 202 -0.91 -50.14 -17.30
CA GLU F 202 0.27 -50.71 -17.93
C GLU F 202 -0.12 -51.83 -18.90
N GLY F 203 -1.00 -51.49 -19.85
CA GLY F 203 -1.47 -52.41 -20.87
C GLY F 203 -2.42 -53.49 -20.38
N SER F 204 -2.74 -53.51 -19.10
CA SER F 204 -3.57 -54.54 -18.51
C SER F 204 -4.89 -53.94 -18.03
N THR F 205 -5.91 -54.79 -17.92
CA THR F 205 -7.24 -54.34 -17.52
C THR F 205 -7.71 -55.17 -16.34
N VAL F 206 -8.06 -54.50 -15.25
CA VAL F 206 -8.83 -55.09 -14.16
C VAL F 206 -10.18 -54.39 -14.16
N GLU F 207 -11.24 -55.16 -13.92
CA GLU F 207 -12.58 -54.63 -14.08
C GLU F 207 -13.51 -55.31 -13.08
N LYS F 208 -14.43 -54.54 -12.49
CA LYS F 208 -15.40 -55.06 -11.55
C LYS F 208 -16.79 -54.54 -11.96
N THR F 209 -17.85 -55.27 -11.59
CA THR F 209 -19.19 -55.05 -12.11
C THR F 209 -20.23 -55.27 -11.02
N VAL F 210 -21.22 -54.37 -10.93
CA VAL F 210 -22.30 -54.43 -9.93
C VAL F 210 -23.65 -54.43 -10.64
N ALA F 211 -24.69 -54.73 -9.88
CA ALA F 211 -26.05 -54.85 -10.36
C ALA F 211 -26.99 -54.48 -9.22
N PRO F 212 -28.11 -53.80 -9.53
CA PRO F 212 -29.12 -53.59 -8.47
C PRO F 212 -29.61 -54.90 -7.87
N THR F 213 -29.54 -55.99 -8.63
CA THR F 213 -29.88 -57.32 -8.16
C THR F 213 -28.68 -57.90 -7.42
N GLU F 214 -28.47 -57.39 -6.20
CA GLU F 214 -27.39 -57.79 -5.31
C GLU F 214 -26.99 -59.26 -5.48
#